data_5XLD
#
_entry.id   5XLD
#
_cell.length_a   100.413
_cell.length_b   100.413
_cell.length_c   686.914
_cell.angle_alpha   90.00
_cell.angle_beta   90.00
_cell.angle_gamma   120.00
#
_symmetry.space_group_name_H-M   'H 3 2'
#
loop_
_entity.id
_entity.type
_entity.pdbx_description
1 polymer Hemagglutinin
2 polymer Hemagglutinin
3 branched 'N-acetyl-alpha-neuraminic acid-(2-6)-beta-D-galactopyranose-(1-4)-2-acetamido-2-deoxy-beta-D-glucopyranose'
4 non-polymer 2-acetamido-2-deoxy-beta-D-glucopyranose
5 water water
#
loop_
_entity_poly.entity_id
_entity_poly.type
_entity_poly.pdbx_seq_one_letter_code
_entity_poly.pdbx_strand_id
1 'polypeptide(L)'
;QNYTGNPVICMGHHAVANGTMVKTLADDQVEVVTAQELVESQNLPELCPSPLRLVDGQTCDIINGALGSPGCDHLNGAEW
DVFIERPNAVDTCYPFDVPEYQSLRSILANNGKFEFIAEEFQWNTVKQNGKSGACKRANVNDFFNRLNWLVKSDGNAYPL
QNLTKINNGDYARLYIWGVHHPSTDTEQTNLYKNNPGGVTVSTKTSQTSVVPNIGSRPLVRGLSSRVSFYWTIVEPGDLI
VFNTIGNLIAPRGHYKLNNQKKSTILNTAIPIGSCVSKCHTDKGSLSTTKPFQNISRIAVGDCPRYVKQGSLKLATGMRN
IPEKASR
;
A,B
2 'polypeptide(L)'
;GLFGAIAGFIENGWQGLIDGWYGFRHQNAEGTGTAADLKSTQAAIDQINGKLNRLIEKTNDKYHQIEKEFEQVEGRIQDL
EKYVEDTKIDLWSYNAELLVALENQHTIDVTDSEMNKLFERVRRQLRENAEDKGNGCFEIFHKCDNNCIESIRNGTYDHD
IYRDEAINNRFQIQGV
;
C,D
#
# COMPACT_ATOMS: atom_id res chain seq x y z
N GLY A 5 14.28 13.73 4.03
CA GLY A 5 12.84 13.88 3.86
C GLY A 5 12.41 13.91 2.40
N ASN A 6 11.71 12.84 1.99
CA ASN A 6 11.41 12.62 0.58
C ASN A 6 10.20 11.72 0.18
N PRO A 7 9.34 11.31 1.13
CA PRO A 7 8.10 10.77 0.55
C PRO A 7 7.37 11.84 -0.28
N VAL A 8 6.57 11.41 -1.25
CA VAL A 8 5.83 12.30 -2.13
C VAL A 8 4.35 11.89 -2.22
N ILE A 9 3.43 12.85 -2.18
CA ILE A 9 2.03 12.54 -2.45
C ILE A 9 1.49 13.44 -3.56
N CYS A 10 0.86 12.83 -4.55
CA CYS A 10 0.33 13.55 -5.71
C CYS A 10 -1.19 13.51 -5.76
N MET A 11 -1.80 14.63 -6.11
CA MET A 11 -3.25 14.67 -6.31
C MET A 11 -3.53 14.68 -7.80
N GLY A 12 -4.49 13.86 -8.22
CA GLY A 12 -4.77 13.73 -9.64
C GLY A 12 -6.21 13.36 -9.96
N HIS A 13 -6.46 13.09 -11.23
CA HIS A 13 -7.81 12.77 -11.72
C HIS A 13 -7.75 11.65 -12.74
N HIS A 14 -8.89 11.06 -13.04
CA HIS A 14 -8.90 9.91 -13.94
C HIS A 14 -8.80 10.33 -15.39
N ALA A 15 -8.60 9.34 -16.26
CA ALA A 15 -8.60 9.56 -17.70
C ALA A 15 -8.97 8.25 -18.36
N VAL A 16 -9.33 8.30 -19.64
CA VAL A 16 -9.54 7.09 -20.42
C VAL A 16 -8.75 7.19 -21.72
N ALA A 17 -8.65 6.09 -22.46
CA ALA A 17 -7.84 6.09 -23.66
C ALA A 17 -8.42 7.02 -24.73
N ASN A 18 -9.73 6.89 -24.98
CA ASN A 18 -10.41 7.70 -25.98
C ASN A 18 -11.75 8.24 -25.46
N GLY A 19 -11.83 9.56 -25.30
CA GLY A 19 -13.03 10.21 -24.81
C GLY A 19 -13.97 10.70 -25.89
N THR A 20 -14.83 11.67 -25.57
CA THR A 20 -15.82 12.19 -26.52
C THR A 20 -15.65 13.71 -26.74
N MET A 21 -15.76 14.15 -27.99
CA MET A 21 -15.64 15.57 -28.33
C MET A 21 -16.93 16.33 -28.03
N VAL A 22 -16.81 17.47 -27.35
CA VAL A 22 -17.97 18.34 -27.08
C VAL A 22 -17.62 19.77 -27.45
N LYS A 23 -18.63 20.64 -27.51
CA LYS A 23 -18.37 22.06 -27.75
C LYS A 23 -18.60 22.89 -26.50
N THR A 24 -17.83 23.97 -26.37
CA THR A 24 -18.04 24.97 -25.33
C THR A 24 -18.22 26.28 -26.08
N LEU A 25 -18.33 27.39 -25.35
CA LEU A 25 -18.47 28.69 -25.99
C LEU A 25 -17.20 28.99 -26.78
N ALA A 26 -16.09 28.49 -26.25
CA ALA A 26 -14.75 28.79 -26.74
C ALA A 26 -14.27 27.82 -27.81
N ASP A 27 -14.51 26.53 -27.60
CA ASP A 27 -13.89 25.49 -28.44
C ASP A 27 -14.94 24.53 -29.00
N ASP A 28 -14.82 24.21 -30.30
CA ASP A 28 -15.78 23.31 -30.94
C ASP A 28 -15.44 21.84 -30.73
N GLN A 29 -14.19 21.54 -30.39
CA GLN A 29 -13.78 20.16 -30.15
C GLN A 29 -12.94 20.04 -28.88
N VAL A 30 -13.59 19.68 -27.79
CA VAL A 30 -12.94 19.43 -26.51
C VAL A 30 -13.22 18.00 -26.09
N GLU A 31 -12.18 17.23 -25.82
CA GLU A 31 -12.35 15.84 -25.41
C GLU A 31 -12.63 15.74 -23.91
N VAL A 32 -13.78 15.16 -23.58
CA VAL A 32 -14.16 14.90 -22.20
C VAL A 32 -14.30 13.40 -22.01
N VAL A 33 -14.27 12.96 -20.75
CA VAL A 33 -14.27 11.53 -20.41
C VAL A 33 -15.56 10.81 -20.82
N THR A 34 -16.70 11.44 -20.51
CA THR A 34 -18.00 10.92 -20.90
C THR A 34 -18.88 12.07 -21.42
N ALA A 35 -19.83 11.74 -22.28
CA ALA A 35 -20.82 12.70 -22.75
C ALA A 35 -22.13 12.00 -23.04
N GLN A 36 -23.20 12.78 -23.20
CA GLN A 36 -24.51 12.22 -23.46
C GLN A 36 -25.16 13.00 -24.61
N GLU A 37 -25.66 12.27 -25.61
CA GLU A 37 -26.34 12.87 -26.76
C GLU A 37 -27.71 13.41 -26.36
N LEU A 38 -28.00 14.66 -26.73
CA LEU A 38 -29.29 15.29 -26.40
C LEU A 38 -30.30 15.31 -27.55
N VAL A 39 -29.85 14.97 -28.75
CA VAL A 39 -30.73 14.93 -29.92
C VAL A 39 -31.13 13.49 -30.25
N GLU A 40 -32.42 13.20 -30.15
CA GLU A 40 -32.93 11.90 -30.61
C GLU A 40 -32.99 11.84 -32.13
N SER A 41 -32.24 10.91 -32.73
CA SER A 41 -32.22 10.79 -34.19
C SER A 41 -32.71 9.43 -34.70
N GLN A 42 -33.21 8.58 -33.81
CA GLN A 42 -33.77 7.30 -34.23
C GLN A 42 -35.24 7.27 -33.86
N ASN A 43 -36.07 6.74 -34.74
CA ASN A 43 -37.48 6.59 -34.45
C ASN A 43 -37.89 5.12 -34.56
N LEU A 44 -39.03 4.78 -33.96
CA LEU A 44 -39.62 3.47 -34.14
C LEU A 44 -40.28 3.38 -35.51
N PRO A 45 -40.21 2.20 -36.15
CA PRO A 45 -40.84 2.04 -37.47
C PRO A 45 -42.34 1.84 -37.37
N GLU A 46 -42.91 2.19 -36.22
CA GLU A 46 -44.34 1.99 -35.96
C GLU A 46 -44.93 3.03 -35.00
N LEU A 47 -46.24 3.16 -34.99
CA LEU A 47 -46.93 4.06 -34.06
C LEU A 47 -47.47 3.31 -32.84
N CYS A 48 -47.22 3.84 -31.65
CA CYS A 48 -47.63 3.20 -30.40
C CYS A 48 -49.09 3.52 -30.03
N PRO A 49 -49.93 2.47 -29.88
CA PRO A 49 -51.36 2.65 -29.65
C PRO A 49 -51.70 2.97 -28.19
N SER A 50 -50.67 3.09 -27.36
CA SER A 50 -50.85 3.43 -25.95
C SER A 50 -49.68 4.34 -25.57
N PRO A 51 -49.88 5.27 -24.62
CA PRO A 51 -51.11 5.53 -23.85
C PRO A 51 -52.06 6.55 -24.46
N LEU A 52 -51.73 7.12 -25.61
CA LEU A 52 -52.70 7.96 -26.31
C LEU A 52 -53.64 7.08 -27.13
N ARG A 53 -54.88 7.51 -27.31
CA ARG A 53 -55.84 6.76 -28.14
C ARG A 53 -55.66 7.15 -29.59
N LEU A 54 -55.23 6.20 -30.42
CA LEU A 54 -55.15 6.45 -31.86
C LEU A 54 -56.33 5.77 -32.56
N VAL A 55 -56.97 6.52 -33.46
CA VAL A 55 -57.98 5.94 -34.33
C VAL A 55 -57.39 5.92 -35.75
N ASP A 56 -57.36 4.74 -36.36
CA ASP A 56 -56.84 4.55 -37.71
C ASP A 56 -58.00 4.68 -38.70
N GLY A 57 -57.93 5.71 -39.55
CA GLY A 57 -58.97 5.93 -40.54
C GLY A 57 -58.95 4.85 -41.60
N GLN A 58 -57.79 4.23 -41.78
CA GLN A 58 -57.60 3.22 -42.81
C GLN A 58 -57.94 3.93 -44.12
N THR A 59 -58.90 3.40 -44.88
CA THR A 59 -59.19 3.89 -46.24
C THR A 59 -59.89 5.25 -46.27
N CYS A 60 -60.53 5.65 -45.17
CA CYS A 60 -61.23 6.93 -45.14
C CYS A 60 -60.37 8.00 -44.49
N ASP A 61 -60.30 9.18 -45.13
CA ASP A 61 -59.72 10.33 -44.45
C ASP A 61 -60.80 10.88 -43.51
N ILE A 62 -60.47 11.89 -42.73
CA ILE A 62 -61.41 12.35 -41.71
C ILE A 62 -62.67 13.02 -42.27
N ILE A 63 -62.53 13.71 -43.40
CA ILE A 63 -63.68 14.35 -44.03
C ILE A 63 -64.68 13.28 -44.52
N ASN A 64 -64.17 12.28 -45.22
CA ASN A 64 -65.01 11.18 -45.68
C ASN A 64 -65.62 10.38 -44.53
N GLY A 65 -64.90 10.29 -43.41
CA GLY A 65 -65.44 9.68 -42.21
C GLY A 65 -66.66 10.43 -41.71
N ALA A 66 -66.51 11.76 -41.60
CA ALA A 66 -67.60 12.62 -41.13
C ALA A 66 -68.84 12.55 -41.99
N LEU A 67 -68.67 12.53 -43.32
CA LEU A 67 -69.79 12.56 -44.23
C LEU A 67 -70.53 11.23 -44.25
N GLY A 68 -69.82 10.17 -43.87
CA GLY A 68 -70.41 8.84 -43.88
C GLY A 68 -70.28 8.18 -45.24
N SER A 69 -69.17 8.44 -45.93
CA SER A 69 -68.85 7.75 -47.17
C SER A 69 -68.72 6.24 -46.93
N PRO A 70 -68.92 5.43 -47.99
CA PRO A 70 -68.78 3.99 -47.84
C PRO A 70 -67.36 3.59 -47.48
N GLY A 71 -67.22 2.58 -46.62
CA GLY A 71 -65.92 2.13 -46.14
C GLY A 71 -65.54 2.80 -44.84
N CYS A 72 -66.31 3.80 -44.42
CA CYS A 72 -65.97 4.61 -43.25
C CYS A 72 -66.80 4.24 -42.03
N ASP A 73 -67.49 3.11 -42.09
CA ASP A 73 -68.40 2.71 -41.00
C ASP A 73 -67.67 2.34 -39.71
N HIS A 74 -66.41 1.94 -39.83
CA HIS A 74 -65.59 1.65 -38.65
C HIS A 74 -65.30 2.90 -37.82
N LEU A 75 -65.57 4.08 -38.38
CA LEU A 75 -65.28 5.33 -37.68
C LEU A 75 -66.47 5.84 -36.84
N ASN A 76 -67.63 5.21 -37.00
CA ASN A 76 -68.80 5.56 -36.21
C ASN A 76 -68.55 5.33 -34.71
N GLY A 77 -68.81 6.36 -33.91
CA GLY A 77 -68.60 6.27 -32.46
C GLY A 77 -67.15 6.43 -32.03
N ALA A 78 -66.24 6.55 -33.00
CA ALA A 78 -64.81 6.64 -32.71
C ALA A 78 -64.46 7.85 -31.83
N GLU A 79 -63.55 7.63 -30.88
CA GLU A 79 -63.01 8.69 -30.00
C GLU A 79 -61.50 8.61 -30.06
N TRP A 80 -60.83 9.75 -30.24
CA TRP A 80 -59.38 9.72 -30.40
C TRP A 80 -58.65 10.86 -29.73
N ASP A 81 -57.40 10.60 -29.38
CA ASP A 81 -56.45 11.65 -29.04
C ASP A 81 -55.83 12.14 -30.35
N VAL A 82 -55.42 11.18 -31.18
CA VAL A 82 -54.82 11.46 -32.49
C VAL A 82 -55.51 10.62 -33.56
N PHE A 83 -56.17 11.29 -34.51
CA PHE A 83 -56.70 10.62 -35.68
C PHE A 83 -55.55 10.36 -36.66
N ILE A 84 -55.37 9.10 -37.04
CA ILE A 84 -54.34 8.72 -37.99
C ILE A 84 -54.92 8.65 -39.41
N GLU A 85 -54.64 9.67 -40.21
CA GLU A 85 -55.16 9.77 -41.57
C GLU A 85 -54.14 9.19 -42.55
N ARG A 86 -54.59 8.33 -43.45
CA ARG A 86 -53.67 7.65 -44.37
C ARG A 86 -53.54 8.36 -45.72
N PRO A 87 -52.29 8.56 -46.18
CA PRO A 87 -51.99 9.14 -47.49
C PRO A 87 -52.71 8.42 -48.63
N ASN A 88 -52.85 7.09 -48.54
CA ASN A 88 -53.54 6.34 -49.59
C ASN A 88 -55.04 6.20 -49.39
N ALA A 89 -55.61 7.09 -48.58
CA ALA A 89 -57.07 7.17 -48.44
C ALA A 89 -57.70 7.38 -49.81
N VAL A 90 -58.88 6.77 -50.01
CA VAL A 90 -59.51 6.71 -51.32
C VAL A 90 -60.93 7.25 -51.29
N ASP A 91 -61.28 8.06 -52.28
CA ASP A 91 -62.67 8.51 -52.44
C ASP A 91 -63.57 7.33 -52.84
N THR A 92 -64.74 7.25 -52.23
CA THR A 92 -65.67 6.16 -52.52
C THR A 92 -67.10 6.64 -52.77
N CYS A 93 -67.28 7.95 -52.92
CA CYS A 93 -68.63 8.50 -52.99
C CYS A 93 -68.74 9.59 -54.05
N TYR A 94 -69.81 10.37 -54.00
CA TYR A 94 -70.03 11.47 -54.94
C TYR A 94 -68.85 12.45 -54.92
N PRO A 95 -68.35 12.81 -56.12
CA PRO A 95 -67.35 13.88 -56.25
C PRO A 95 -67.80 15.13 -55.52
N PHE A 96 -66.95 15.60 -54.59
CA PHE A 96 -67.30 16.75 -53.76
C PHE A 96 -66.10 17.66 -53.47
N ASP A 97 -66.40 18.87 -53.03
CA ASP A 97 -65.38 19.80 -52.54
C ASP A 97 -65.89 20.45 -51.26
N VAL A 98 -64.96 20.95 -50.46
CA VAL A 98 -65.27 21.75 -49.27
C VAL A 98 -64.53 23.07 -49.34
N PRO A 99 -65.27 24.18 -49.54
CA PRO A 99 -64.72 25.53 -49.69
C PRO A 99 -63.70 25.92 -48.60
N GLU A 100 -63.98 25.63 -47.33
CA GLU A 100 -62.95 25.85 -46.30
C GLU A 100 -62.45 24.52 -45.76
N TYR A 101 -61.97 23.68 -46.67
CA TYR A 101 -61.64 22.27 -46.38
C TYR A 101 -60.75 22.10 -45.16
N GLN A 102 -59.62 22.80 -45.13
CA GLN A 102 -58.70 22.64 -44.02
C GLN A 102 -59.33 23.06 -42.69
N SER A 103 -60.24 24.03 -42.73
CA SER A 103 -60.89 24.48 -41.50
C SER A 103 -61.83 23.44 -40.93
N LEU A 104 -62.62 22.81 -41.81
CA LEU A 104 -63.50 21.72 -41.38
C LEU A 104 -62.69 20.54 -40.85
N ARG A 105 -61.60 20.21 -41.55
CA ARG A 105 -60.77 19.08 -41.17
C ARG A 105 -60.18 19.33 -39.78
N SER A 106 -59.81 20.58 -39.51
CA SER A 106 -59.24 20.96 -38.22
C SER A 106 -60.25 20.78 -37.08
N ILE A 107 -61.46 21.26 -37.31
CA ILE A 107 -62.55 21.18 -36.34
C ILE A 107 -62.88 19.73 -35.99
N LEU A 108 -63.11 18.91 -37.01
CA LEU A 108 -63.35 17.49 -36.81
C LEU A 108 -62.20 16.84 -36.05
N ALA A 109 -60.96 17.14 -36.45
CA ALA A 109 -59.80 16.51 -35.82
C ALA A 109 -59.63 16.93 -34.37
N ASN A 110 -59.71 18.23 -34.14
CA ASN A 110 -59.55 18.81 -32.82
C ASN A 110 -60.66 18.33 -31.86
N ASN A 111 -61.90 18.33 -32.35
CA ASN A 111 -63.02 17.87 -31.55
C ASN A 111 -62.77 16.49 -30.92
N GLY A 112 -62.30 15.53 -31.72
CA GLY A 112 -61.81 14.27 -31.18
C GLY A 112 -62.77 13.09 -31.12
N LYS A 113 -63.98 13.25 -31.66
CA LYS A 113 -64.94 12.15 -31.66
C LYS A 113 -65.94 12.23 -32.80
N PHE A 114 -66.41 11.06 -33.25
CA PHE A 114 -67.50 10.98 -34.22
C PHE A 114 -68.74 10.41 -33.53
N GLU A 115 -69.46 11.28 -32.82
CA GLU A 115 -70.68 10.88 -32.13
C GLU A 115 -71.88 11.51 -32.81
N PHE A 116 -72.56 10.74 -33.66
CA PHE A 116 -73.65 11.30 -34.45
C PHE A 116 -75.02 11.12 -33.80
N ILE A 117 -75.83 12.17 -33.85
CA ILE A 117 -77.18 12.13 -33.30
C ILE A 117 -78.19 12.29 -34.44
N ALA A 118 -78.89 11.21 -34.74
CA ALA A 118 -79.94 11.24 -35.75
C ALA A 118 -81.05 12.21 -35.34
N GLU A 119 -81.55 12.98 -36.30
CA GLU A 119 -82.71 13.84 -36.07
C GLU A 119 -83.71 13.65 -37.19
N GLU A 120 -84.96 13.97 -36.91
CA GLU A 120 -86.03 13.81 -37.88
C GLU A 120 -86.37 15.10 -38.62
N PHE A 121 -86.10 15.14 -39.91
CA PHE A 121 -86.49 16.28 -40.73
C PHE A 121 -87.76 15.98 -41.52
N GLN A 122 -88.79 16.80 -41.29
CA GLN A 122 -90.06 16.66 -42.00
C GLN A 122 -89.99 17.39 -43.34
N TRP A 123 -89.17 16.89 -44.25
CA TRP A 123 -89.12 17.46 -45.60
C TRP A 123 -90.49 17.32 -46.27
N ASN A 124 -90.93 18.40 -46.90
CA ASN A 124 -92.24 18.43 -47.53
C ASN A 124 -92.43 17.37 -48.62
N THR A 125 -93.25 17.69 -49.61
CA THR A 125 -93.59 16.73 -50.67
C THR A 125 -92.37 16.16 -51.40
N VAL A 126 -91.22 16.79 -51.23
CA VAL A 126 -90.01 16.34 -51.92
C VAL A 126 -89.68 14.90 -51.52
N LYS A 127 -89.06 14.14 -52.42
CA LYS A 127 -88.69 12.77 -52.06
C LYS A 127 -87.26 12.72 -51.52
N GLN A 128 -87.02 11.84 -50.55
CA GLN A 128 -85.74 11.79 -49.85
C GLN A 128 -84.86 10.65 -50.38
N ASN A 129 -83.62 10.60 -49.89
CA ASN A 129 -82.73 9.47 -50.09
C ASN A 129 -82.23 9.21 -51.51
N GLY A 130 -81.91 10.29 -52.24
CA GLY A 130 -81.30 10.15 -53.54
C GLY A 130 -79.95 9.45 -53.45
N LYS A 131 -79.67 8.56 -54.41
CA LYS A 131 -78.44 7.77 -54.40
C LYS A 131 -77.68 7.89 -55.72
N SER A 132 -76.53 7.22 -55.81
CA SER A 132 -75.69 7.32 -57.02
C SER A 132 -74.80 6.10 -57.25
N GLY A 133 -74.37 5.92 -58.50
CA GLY A 133 -73.45 4.84 -58.85
C GLY A 133 -72.03 5.26 -58.60
N ALA A 134 -71.84 6.55 -58.30
CA ALA A 134 -70.53 7.06 -57.90
C ALA A 134 -70.28 6.72 -56.43
N CYS A 135 -71.36 6.44 -55.70
CA CYS A 135 -71.27 6.12 -54.29
C CYS A 135 -71.90 4.76 -53.98
N LYS A 136 -71.36 3.71 -54.59
CA LYS A 136 -71.86 2.36 -54.35
C LYS A 136 -71.54 1.89 -52.94
N ARG A 137 -72.54 1.32 -52.27
CA ARG A 137 -72.36 0.71 -50.96
C ARG A 137 -72.78 -0.76 -51.05
N ALA A 138 -71.83 -1.67 -50.84
CA ALA A 138 -72.04 -3.11 -51.04
C ALA A 138 -72.51 -3.41 -52.46
N ASN A 139 -71.92 -2.72 -53.43
CA ASN A 139 -72.26 -2.83 -54.85
C ASN A 139 -73.69 -2.35 -55.19
N VAL A 140 -74.33 -1.70 -54.23
CA VAL A 140 -75.64 -1.10 -54.48
C VAL A 140 -75.55 0.42 -54.43
N ASN A 141 -76.08 1.10 -55.44
CA ASN A 141 -76.10 2.56 -55.48
C ASN A 141 -76.56 3.18 -54.16
N ASP A 142 -75.79 4.16 -53.67
CA ASP A 142 -76.02 4.71 -52.33
C ASP A 142 -75.52 6.15 -52.23
N PHE A 143 -75.27 6.60 -51.00
CA PHE A 143 -74.85 7.97 -50.74
C PHE A 143 -74.16 8.08 -49.39
N PHE A 144 -73.73 9.29 -49.06
CA PHE A 144 -73.18 9.59 -47.73
C PHE A 144 -74.25 9.29 -46.69
N ASN A 145 -73.94 8.46 -45.71
CA ASN A 145 -74.97 8.05 -44.76
C ASN A 145 -75.33 9.10 -43.70
N ARG A 146 -74.63 10.23 -43.74
CA ARG A 146 -74.95 11.33 -42.84
C ARG A 146 -75.70 12.41 -43.61
N LEU A 147 -75.82 12.21 -44.92
CA LEU A 147 -76.49 13.20 -45.77
C LEU A 147 -77.79 12.67 -46.37
N ASN A 148 -78.71 13.59 -46.68
CA ASN A 148 -80.00 13.23 -47.28
C ASN A 148 -80.26 14.01 -48.57
N TRP A 149 -80.22 13.29 -49.69
CA TRP A 149 -80.42 13.91 -51.00
C TRP A 149 -81.90 14.08 -51.33
N LEU A 150 -82.32 15.34 -51.40
CA LEU A 150 -83.72 15.67 -51.64
C LEU A 150 -83.92 16.04 -53.10
N VAL A 151 -85.00 15.53 -53.70
CA VAL A 151 -85.37 15.90 -55.06
C VAL A 151 -86.89 16.13 -55.20
N LYS A 152 -87.30 16.64 -56.35
CA LYS A 152 -88.71 16.93 -56.63
C LYS A 152 -89.62 15.72 -56.49
N SER A 153 -90.89 15.98 -56.17
CA SER A 153 -91.90 14.93 -56.11
C SER A 153 -92.13 14.33 -57.51
N ASP A 154 -92.83 13.20 -57.55
CA ASP A 154 -93.21 12.61 -58.83
C ASP A 154 -94.15 13.55 -59.58
N GLY A 155 -94.95 14.29 -58.82
CA GLY A 155 -95.83 15.31 -59.38
C GLY A 155 -95.14 16.66 -59.55
N ASN A 156 -93.86 16.60 -59.93
CA ASN A 156 -93.00 17.77 -60.19
C ASN A 156 -93.19 18.99 -59.28
N ALA A 157 -93.04 18.76 -57.98
CA ALA A 157 -93.04 19.85 -57.02
C ALA A 157 -91.73 19.92 -56.23
N TYR A 158 -91.14 21.11 -56.17
CA TYR A 158 -90.11 21.39 -55.16
C TYR A 158 -90.53 22.65 -54.42
N PRO A 159 -91.45 22.50 -53.46
CA PRO A 159 -91.92 23.65 -52.67
C PRO A 159 -90.78 24.19 -51.84
N LEU A 160 -90.76 25.51 -51.66
CA LEU A 160 -89.80 26.15 -50.77
C LEU A 160 -89.74 25.39 -49.44
N GLN A 161 -88.57 24.86 -49.12
CA GLN A 161 -88.40 24.13 -47.87
C GLN A 161 -88.00 25.06 -46.74
N ASN A 162 -88.48 24.77 -45.54
CA ASN A 162 -88.21 25.63 -44.39
C ASN A 162 -88.57 24.99 -43.05
N LEU A 163 -87.62 24.24 -42.50
CA LEU A 163 -87.77 23.64 -41.17
C LEU A 163 -86.66 24.08 -40.23
N THR A 164 -86.88 23.85 -38.94
CA THR A 164 -86.04 24.43 -37.91
C THR A 164 -85.66 23.41 -36.84
N LYS A 165 -84.38 23.40 -36.47
CA LYS A 165 -83.91 22.58 -35.36
C LYS A 165 -83.43 23.49 -34.24
N ILE A 166 -83.94 23.25 -33.04
CA ILE A 166 -83.65 24.10 -31.88
C ILE A 166 -82.70 23.40 -30.91
N ASN A 167 -81.62 24.09 -30.55
CA ASN A 167 -80.66 23.55 -29.60
C ASN A 167 -80.99 23.99 -28.17
N ASN A 168 -81.53 23.06 -27.39
CA ASN A 168 -81.77 23.30 -25.97
C ASN A 168 -81.06 22.28 -25.10
N GLY A 169 -80.15 21.52 -25.72
CA GLY A 169 -79.28 20.62 -24.99
C GLY A 169 -78.16 21.36 -24.27
N ASP A 170 -77.17 20.61 -23.80
CA ASP A 170 -76.07 21.19 -23.05
C ASP A 170 -74.74 21.07 -23.81
N TYR A 171 -74.81 21.07 -25.13
CA TYR A 171 -73.63 20.93 -25.97
C TYR A 171 -73.83 21.58 -27.34
N ALA A 172 -72.75 22.14 -27.89
CA ALA A 172 -72.80 22.71 -29.24
C ALA A 172 -72.95 21.60 -30.27
N ARG A 173 -73.71 21.90 -31.32
CA ARG A 173 -73.96 20.91 -32.36
C ARG A 173 -73.28 21.31 -33.65
N LEU A 174 -72.81 20.32 -34.39
CA LEU A 174 -72.23 20.56 -35.70
C LEU A 174 -73.09 19.93 -36.79
N TYR A 175 -73.66 20.78 -37.64
CA TYR A 175 -74.42 20.29 -38.78
C TYR A 175 -73.59 20.37 -40.05
N ILE A 176 -73.46 19.26 -40.74
CA ILE A 176 -72.82 19.25 -42.05
C ILE A 176 -73.90 19.10 -43.11
N TRP A 177 -73.90 20.02 -44.07
CA TRP A 177 -74.90 20.04 -45.15
C TRP A 177 -74.22 20.41 -46.44
N GLY A 178 -74.86 20.09 -47.57
CA GLY A 178 -74.26 20.31 -48.86
C GLY A 178 -75.15 20.97 -49.89
N VAL A 179 -74.55 21.31 -51.03
CA VAL A 179 -75.27 21.93 -52.12
C VAL A 179 -74.89 21.23 -53.42
N HIS A 180 -75.90 20.79 -54.18
CA HIS A 180 -75.66 20.03 -55.40
C HIS A 180 -75.47 20.91 -56.65
N HIS A 181 -74.50 20.54 -57.47
CA HIS A 181 -74.14 21.31 -58.66
C HIS A 181 -74.31 20.48 -59.93
N PRO A 182 -75.46 20.65 -60.61
CA PRO A 182 -75.73 19.93 -61.88
C PRO A 182 -74.79 20.39 -62.99
N SER A 183 -74.58 19.52 -63.99
CA SER A 183 -73.73 19.83 -65.14
C SER A 183 -74.51 20.49 -66.28
N THR A 184 -75.83 20.31 -66.28
CA THR A 184 -76.71 20.96 -67.26
C THR A 184 -77.93 21.58 -66.58
N ASP A 185 -78.60 22.50 -67.27
CA ASP A 185 -79.86 23.07 -66.78
C ASP A 185 -80.99 22.07 -66.93
N THR A 186 -80.82 21.14 -67.88
CA THR A 186 -81.73 20.01 -68.01
C THR A 186 -81.61 19.12 -66.76
N GLU A 187 -80.37 18.73 -66.45
CA GLU A 187 -80.06 17.99 -65.23
C GLU A 187 -80.68 18.69 -64.01
N GLN A 188 -80.44 20.01 -63.92
CA GLN A 188 -81.01 20.83 -62.86
C GLN A 188 -82.53 20.68 -62.78
N THR A 189 -83.19 20.86 -63.92
CA THR A 189 -84.64 20.84 -64.00
C THR A 189 -85.27 19.48 -63.72
N ASN A 190 -84.65 18.40 -64.21
CA ASN A 190 -85.18 17.06 -63.97
C ASN A 190 -85.06 16.63 -62.51
N LEU A 191 -84.29 17.41 -61.74
CA LEU A 191 -84.02 17.11 -60.34
C LEU A 191 -84.81 17.99 -59.38
N TYR A 192 -84.70 19.30 -59.56
CA TYR A 192 -85.25 20.26 -58.60
C TYR A 192 -86.34 21.12 -59.19
N LYS A 193 -86.64 20.89 -60.48
CA LYS A 193 -87.65 21.67 -61.21
C LYS A 193 -87.21 23.13 -61.34
N ASN A 194 -87.17 23.82 -60.20
CA ASN A 194 -86.73 25.20 -60.13
C ASN A 194 -85.34 25.44 -60.73
N ASN A 195 -85.13 26.64 -61.26
CA ASN A 195 -83.86 27.02 -61.88
C ASN A 195 -83.78 28.54 -61.90
N PRO A 196 -82.87 29.11 -61.09
CA PRO A 196 -81.90 28.38 -60.28
C PRO A 196 -82.49 27.91 -58.95
N GLY A 197 -81.78 27.00 -58.29
CA GLY A 197 -82.13 26.58 -56.95
C GLY A 197 -81.49 27.51 -55.95
N GLY A 198 -81.34 27.05 -54.71
CA GLY A 198 -80.73 27.88 -53.69
C GLY A 198 -80.93 27.38 -52.28
N VAL A 199 -79.91 27.61 -51.45
CA VAL A 199 -79.95 27.21 -50.05
C VAL A 199 -79.55 28.40 -49.18
N THR A 200 -80.26 28.61 -48.08
CA THR A 200 -79.78 29.49 -47.03
C THR A 200 -79.93 28.80 -45.68
N VAL A 201 -78.80 28.64 -44.99
CA VAL A 201 -78.81 28.10 -43.65
C VAL A 201 -78.56 29.24 -42.67
N SER A 202 -79.45 29.40 -41.71
CA SER A 202 -79.38 30.52 -40.79
C SER A 202 -79.32 30.06 -39.34
N THR A 203 -78.69 30.88 -38.51
CA THR A 203 -78.80 30.76 -37.06
C THR A 203 -79.26 32.13 -36.57
N LYS A 204 -79.37 32.30 -35.26
CA LYS A 204 -79.71 33.61 -34.71
C LYS A 204 -78.68 34.66 -35.14
N THR A 205 -77.43 34.23 -35.24
CA THR A 205 -76.31 35.15 -35.41
C THR A 205 -75.66 35.08 -36.79
N SER A 206 -76.12 34.15 -37.62
CA SER A 206 -75.55 34.00 -38.96
C SER A 206 -76.58 33.52 -39.97
N GLN A 207 -76.32 33.80 -41.24
CA GLN A 207 -77.03 33.16 -42.34
C GLN A 207 -76.07 32.98 -43.51
N THR A 208 -76.11 31.80 -44.12
CA THR A 208 -75.15 31.45 -45.16
C THR A 208 -75.92 31.02 -46.40
N SER A 209 -75.68 31.70 -47.52
CA SER A 209 -76.47 31.44 -48.71
C SER A 209 -75.61 31.00 -49.89
N VAL A 210 -76.03 29.93 -50.55
CA VAL A 210 -75.28 29.38 -51.67
C VAL A 210 -76.13 29.30 -52.93
N VAL A 211 -75.65 29.89 -54.02
CA VAL A 211 -76.30 29.72 -55.31
C VAL A 211 -75.55 28.64 -56.10
N PRO A 212 -76.29 27.62 -56.56
CA PRO A 212 -75.68 26.48 -57.25
C PRO A 212 -74.99 26.90 -58.53
N ASN A 213 -73.90 26.21 -58.87
CA ASN A 213 -73.21 26.44 -60.12
C ASN A 213 -73.47 25.33 -61.13
N ILE A 214 -73.78 25.71 -62.35
CA ILE A 214 -74.04 24.75 -63.42
C ILE A 214 -72.98 24.92 -64.50
N GLY A 215 -72.30 23.82 -64.84
CA GLY A 215 -71.28 23.85 -65.86
C GLY A 215 -70.71 22.48 -66.19
N SER A 216 -69.97 22.41 -67.29
CA SER A 216 -69.26 21.20 -67.63
C SER A 216 -68.03 21.09 -66.73
N ARG A 217 -67.88 19.95 -66.08
CA ARG A 217 -66.74 19.70 -65.20
C ARG A 217 -66.17 18.34 -65.57
N PRO A 218 -64.86 18.15 -65.32
CA PRO A 218 -64.16 16.90 -65.57
C PRO A 218 -64.94 15.70 -65.03
N LEU A 219 -64.79 14.54 -65.66
CA LEU A 219 -65.45 13.35 -65.17
C LEU A 219 -64.74 12.80 -63.95
N VAL A 220 -65.41 12.82 -62.80
CA VAL A 220 -64.86 12.20 -61.60
C VAL A 220 -65.83 11.13 -61.11
N ARG A 221 -65.35 9.88 -61.07
CA ARG A 221 -66.18 8.71 -60.75
C ARG A 221 -67.39 8.64 -61.69
N GLY A 222 -67.16 9.02 -62.95
CA GLY A 222 -68.18 8.96 -63.98
C GLY A 222 -69.17 10.10 -63.94
N LEU A 223 -68.82 11.19 -63.26
CA LEU A 223 -69.75 12.32 -63.12
C LEU A 223 -69.10 13.68 -63.39
N SER A 224 -69.91 14.61 -63.89
CA SER A 224 -69.48 15.97 -64.16
C SER A 224 -70.14 16.90 -63.13
N SER A 225 -71.07 16.33 -62.36
CA SER A 225 -71.71 17.07 -61.28
C SER A 225 -70.88 16.98 -59.99
N ARG A 226 -71.18 17.87 -59.04
CA ARG A 226 -70.42 17.97 -57.79
C ARG A 226 -71.32 18.27 -56.59
N VAL A 227 -70.81 18.00 -55.40
CA VAL A 227 -71.47 18.49 -54.19
C VAL A 227 -70.47 19.37 -53.44
N SER A 228 -70.91 20.52 -52.95
CA SER A 228 -70.07 21.35 -52.10
C SER A 228 -70.58 21.25 -50.68
N PHE A 229 -69.68 21.00 -49.74
CA PHE A 229 -70.10 20.82 -48.35
C PHE A 229 -69.79 22.02 -47.46
N TYR A 230 -70.72 22.30 -46.56
CA TYR A 230 -70.63 23.43 -45.64
C TYR A 230 -70.93 22.89 -44.25
N TRP A 231 -70.68 23.71 -43.24
CA TRP A 231 -71.03 23.29 -41.89
C TRP A 231 -71.59 24.46 -41.11
N THR A 232 -72.35 24.14 -40.07
CA THR A 232 -72.90 25.14 -39.18
C THR A 232 -72.77 24.62 -37.76
N ILE A 233 -72.18 25.43 -36.89
CA ILE A 233 -72.17 25.12 -35.46
C ILE A 233 -73.30 25.86 -34.77
N VAL A 234 -74.10 25.12 -34.01
CA VAL A 234 -75.22 25.70 -33.28
C VAL A 234 -74.97 25.53 -31.79
N GLU A 235 -74.73 26.65 -31.12
CA GLU A 235 -74.47 26.64 -29.69
C GLU A 235 -75.79 26.40 -28.97
N PRO A 236 -75.73 25.95 -27.70
CA PRO A 236 -76.97 25.83 -26.93
C PRO A 236 -77.67 27.18 -26.84
N GLY A 237 -79.00 27.18 -26.93
CA GLY A 237 -79.74 28.43 -26.85
C GLY A 237 -79.95 29.07 -28.21
N ASP A 238 -79.20 28.61 -29.21
CA ASP A 238 -79.37 29.08 -30.58
C ASP A 238 -80.08 27.97 -31.34
N LEU A 239 -80.36 28.22 -32.62
CA LEU A 239 -81.01 27.22 -33.45
C LEU A 239 -80.65 27.40 -34.92
N ILE A 240 -81.06 26.44 -35.75
CA ILE A 240 -80.71 26.44 -37.16
C ILE A 240 -81.94 26.34 -38.07
N VAL A 241 -81.97 27.17 -39.10
CA VAL A 241 -83.07 27.18 -40.05
C VAL A 241 -82.57 26.80 -41.43
N PHE A 242 -83.20 25.79 -42.04
CA PHE A 242 -82.85 25.39 -43.40
C PHE A 242 -83.88 25.90 -44.41
N ASN A 243 -83.38 26.47 -45.51
CA ASN A 243 -84.24 27.06 -46.54
C ASN A 243 -83.81 26.56 -47.91
N THR A 244 -84.74 25.97 -48.67
CA THR A 244 -84.41 25.51 -50.01
C THR A 244 -85.50 25.71 -51.06
N ILE A 245 -85.07 26.08 -52.26
CA ILE A 245 -85.93 26.06 -53.43
C ILE A 245 -85.30 25.09 -54.43
N GLY A 246 -84.38 24.27 -53.93
CA GLY A 246 -83.71 23.26 -54.73
C GLY A 246 -82.23 23.10 -54.42
N ASN A 247 -81.71 21.88 -54.66
CA ASN A 247 -80.27 21.57 -54.57
C ASN A 247 -79.66 21.25 -53.19
N LEU A 248 -80.49 21.14 -52.16
CA LEU A 248 -79.97 20.86 -50.81
C LEU A 248 -79.59 19.39 -50.59
N ILE A 249 -78.34 19.17 -50.19
CA ILE A 249 -77.94 17.88 -49.64
C ILE A 249 -78.07 18.01 -48.12
N ALA A 250 -79.16 17.50 -47.58
CA ALA A 250 -79.55 17.77 -46.19
C ALA A 250 -78.86 16.88 -45.16
N PRO A 251 -78.73 17.39 -43.92
CA PRO A 251 -78.22 16.57 -42.81
C PRO A 251 -79.27 15.58 -42.31
N ARG A 252 -78.84 14.46 -41.73
CA ARG A 252 -79.74 13.52 -41.09
C ARG A 252 -79.67 13.66 -39.58
N GLY A 253 -79.02 14.74 -39.14
CA GLY A 253 -78.76 14.96 -37.72
C GLY A 253 -77.55 15.85 -37.50
N HIS A 254 -76.92 15.72 -36.33
CA HIS A 254 -75.75 16.52 -36.01
C HIS A 254 -74.66 15.71 -35.29
N TYR A 255 -73.42 16.14 -35.43
CA TYR A 255 -72.35 15.60 -34.61
C TYR A 255 -72.30 16.38 -33.30
N LYS A 256 -71.95 15.68 -32.23
CA LYS A 256 -71.72 16.30 -30.93
C LYS A 256 -70.35 16.94 -30.88
N LEU A 257 -70.26 18.14 -30.33
CA LEU A 257 -68.95 18.75 -30.05
C LEU A 257 -68.64 18.71 -28.56
N ASN A 258 -67.41 18.36 -28.21
CA ASN A 258 -66.92 18.53 -26.84
C ASN A 258 -66.79 20.01 -26.52
N ASN A 259 -67.01 20.38 -25.25
CA ASN A 259 -66.73 21.75 -24.83
C ASN A 259 -65.25 22.03 -25.01
N GLN A 260 -64.43 21.14 -24.45
CA GLN A 260 -62.97 21.21 -24.58
C GLN A 260 -62.50 20.31 -25.72
N LYS A 261 -61.86 20.91 -26.72
CA LYS A 261 -61.34 20.14 -27.85
C LYS A 261 -59.82 20.04 -27.73
N LYS A 262 -59.33 18.81 -27.56
CA LYS A 262 -57.94 18.54 -27.16
C LYS A 262 -57.23 17.60 -28.11
N SER A 263 -57.91 17.18 -29.16
CA SER A 263 -57.38 16.14 -30.04
C SER A 263 -56.76 16.73 -31.30
N THR A 264 -56.11 15.88 -32.08
CA THR A 264 -55.54 16.32 -33.34
C THR A 264 -55.45 15.15 -34.35
N ILE A 265 -54.83 15.45 -35.48
CA ILE A 265 -54.75 14.52 -36.59
C ILE A 265 -53.31 14.40 -37.05
N LEU A 266 -52.95 13.21 -37.51
CA LEU A 266 -51.59 12.96 -38.01
C LEU A 266 -51.71 12.21 -39.32
N ASN A 267 -51.17 12.77 -40.40
CA ASN A 267 -51.18 12.11 -41.70
C ASN A 267 -49.88 11.34 -41.90
N THR A 268 -49.98 10.01 -41.89
CA THR A 268 -48.81 9.16 -42.05
C THR A 268 -49.19 7.73 -42.46
N ALA A 269 -48.29 7.05 -43.18
CA ALA A 269 -48.55 5.69 -43.65
C ALA A 269 -48.05 4.64 -42.67
N ILE A 270 -47.31 5.11 -41.66
CA ILE A 270 -46.70 4.25 -40.67
C ILE A 270 -47.74 3.37 -39.95
N PRO A 271 -47.49 2.04 -39.92
CA PRO A 271 -48.41 1.10 -39.29
C PRO A 271 -48.45 1.27 -37.77
N ILE A 272 -49.60 0.94 -37.17
CA ILE A 272 -49.73 0.94 -35.72
C ILE A 272 -49.23 -0.37 -35.13
N GLY A 273 -48.31 -0.30 -34.18
CA GLY A 273 -47.76 -1.50 -33.56
C GLY A 273 -48.25 -1.85 -32.17
N SER A 274 -47.33 -2.29 -31.32
CA SER A 274 -47.65 -2.80 -29.99
C SER A 274 -46.76 -2.18 -28.93
N CYS A 275 -46.04 -1.15 -29.33
CA CYS A 275 -45.11 -0.45 -28.44
C CYS A 275 -45.84 0.56 -27.55
N VAL A 276 -45.12 1.18 -26.62
CA VAL A 276 -45.70 2.19 -25.76
C VAL A 276 -44.93 3.50 -25.91
N SER A 277 -45.64 4.59 -26.26
CA SER A 277 -45.02 5.91 -26.38
C SER A 277 -46.05 7.02 -26.46
N LYS A 278 -45.70 8.17 -25.88
CA LYS A 278 -46.58 9.33 -25.86
C LYS A 278 -46.18 10.35 -26.91
N CYS A 279 -45.16 10.02 -27.71
CA CYS A 279 -44.68 10.95 -28.73
C CYS A 279 -44.76 10.34 -30.11
N HIS A 280 -45.53 10.97 -31.00
CA HIS A 280 -45.73 10.46 -32.35
C HIS A 280 -45.29 11.46 -33.42
N THR A 281 -44.46 11.02 -34.35
CA THR A 281 -44.13 11.83 -35.53
C THR A 281 -44.72 11.15 -36.77
N ASP A 282 -44.72 11.87 -37.88
CA ASP A 282 -45.22 11.31 -39.14
C ASP A 282 -44.29 10.21 -39.67
N LYS A 283 -43.12 10.07 -39.05
CA LYS A 283 -42.16 9.03 -39.40
C LYS A 283 -42.24 7.84 -38.44
N GLY A 284 -43.04 7.99 -37.38
CA GLY A 284 -43.17 6.94 -36.38
C GLY A 284 -43.02 7.49 -34.98
N SER A 285 -43.38 6.69 -33.98
CA SER A 285 -43.27 7.11 -32.58
C SER A 285 -41.83 7.23 -32.12
N LEU A 286 -41.59 8.09 -31.12
CA LEU A 286 -40.27 8.21 -30.51
C LEU A 286 -40.32 7.56 -29.15
N SER A 287 -39.26 6.85 -28.78
CA SER A 287 -39.13 6.30 -27.45
C SER A 287 -37.81 6.79 -26.86
N THR A 288 -37.87 7.90 -26.13
CA THR A 288 -36.66 8.61 -25.75
C THR A 288 -36.85 9.47 -24.52
N THR A 289 -35.74 9.78 -23.84
CA THR A 289 -35.73 10.72 -22.74
C THR A 289 -34.97 12.00 -23.11
N LYS A 290 -34.39 12.02 -24.31
CA LYS A 290 -33.66 13.19 -24.78
C LYS A 290 -34.57 14.41 -24.93
N PRO A 291 -34.03 15.62 -24.69
CA PRO A 291 -34.85 16.85 -24.75
C PRO A 291 -35.07 17.34 -26.18
N PHE A 292 -34.29 16.86 -27.14
CA PHE A 292 -34.43 17.28 -28.53
C PHE A 292 -34.50 16.11 -29.50
N GLN A 293 -34.99 16.36 -30.71
CA GLN A 293 -35.07 15.36 -31.77
C GLN A 293 -34.91 16.06 -33.14
N ASN A 294 -34.27 15.38 -34.09
CA ASN A 294 -34.17 15.92 -35.45
C ASN A 294 -34.97 15.12 -36.47
N ILE A 295 -35.89 14.28 -35.99
CA ILE A 295 -36.61 13.37 -36.88
C ILE A 295 -37.70 14.04 -37.73
N SER A 296 -38.52 14.89 -37.12
CA SER A 296 -39.56 15.60 -37.88
C SER A 296 -40.19 16.76 -37.09
N ARG A 297 -40.43 17.88 -37.78
CA ARG A 297 -41.15 19.00 -37.19
C ARG A 297 -42.61 18.61 -36.91
N ILE A 298 -43.10 17.59 -37.61
CA ILE A 298 -44.44 17.10 -37.35
C ILE A 298 -44.39 16.12 -36.18
N ALA A 299 -44.86 16.56 -35.02
CA ALA A 299 -44.80 15.75 -33.80
C ALA A 299 -45.96 16.06 -32.86
N VAL A 300 -46.62 14.99 -32.41
CA VAL A 300 -47.78 15.11 -31.54
C VAL A 300 -47.58 14.36 -30.22
N GLY A 301 -48.02 14.96 -29.11
CA GLY A 301 -47.92 14.30 -27.82
C GLY A 301 -46.85 14.90 -26.93
N ASP A 302 -46.27 14.07 -26.08
CA ASP A 302 -45.26 14.51 -25.14
C ASP A 302 -43.88 14.30 -25.76
N CYS A 303 -43.43 15.27 -26.56
CA CYS A 303 -42.28 15.07 -27.45
C CYS A 303 -41.04 15.91 -27.07
N PRO A 304 -39.85 15.46 -27.51
CA PRO A 304 -38.66 16.31 -27.41
C PRO A 304 -38.86 17.50 -28.34
N ARG A 305 -38.11 18.58 -28.17
CA ARG A 305 -38.30 19.71 -29.09
C ARG A 305 -37.60 19.43 -30.42
N TYR A 306 -38.23 19.79 -31.52
CA TYR A 306 -37.60 19.61 -32.83
C TYR A 306 -36.52 20.66 -33.11
N VAL A 307 -35.33 20.18 -33.44
CA VAL A 307 -34.22 21.08 -33.79
C VAL A 307 -33.58 20.67 -35.12
N LYS A 308 -32.76 21.57 -35.67
CA LYS A 308 -32.06 21.32 -36.93
C LYS A 308 -30.80 20.45 -36.80
N GLN A 309 -30.14 20.51 -35.65
CA GLN A 309 -28.88 19.80 -35.44
C GLN A 309 -29.08 18.28 -35.41
N GLY A 310 -28.13 17.55 -35.99
CA GLY A 310 -28.15 16.09 -35.94
C GLY A 310 -27.63 15.54 -34.63
N SER A 311 -26.72 16.28 -33.99
CA SER A 311 -26.17 15.88 -32.70
C SER A 311 -25.82 17.07 -31.83
N LEU A 312 -26.08 16.93 -30.53
CA LEU A 312 -25.63 17.87 -29.52
C LEU A 312 -25.15 17.10 -28.27
N LYS A 313 -23.85 17.13 -28.01
CA LYS A 313 -23.28 16.33 -26.92
C LYS A 313 -23.09 17.12 -25.64
N LEU A 314 -23.69 16.64 -24.57
CA LEU A 314 -23.51 17.23 -23.25
C LEU A 314 -22.38 16.49 -22.53
N ALA A 315 -21.32 17.23 -22.15
CA ALA A 315 -20.28 16.65 -21.30
C ALA A 315 -20.88 16.20 -19.96
N THR A 316 -20.56 14.96 -19.58
CA THR A 316 -20.96 14.42 -18.27
C THR A 316 -19.71 14.04 -17.47
N GLY A 317 -18.57 14.55 -17.90
CA GLY A 317 -17.32 14.25 -17.23
C GLY A 317 -16.27 15.32 -17.52
N MET A 318 -15.14 15.24 -16.84
CA MET A 318 -14.06 16.22 -16.95
C MET A 318 -13.33 16.07 -18.29
N ARG A 319 -12.42 17.00 -18.57
CA ARG A 319 -11.54 16.86 -19.73
C ARG A 319 -10.73 15.58 -19.68
N ASN A 320 -10.63 14.91 -20.84
CA ASN A 320 -9.83 13.70 -20.94
C ASN A 320 -8.41 14.00 -21.42
N ILE A 321 -7.45 13.86 -20.52
CA ILE A 321 -6.03 14.04 -20.83
C ILE A 321 -5.24 12.79 -20.42
N PRO A 322 -5.13 11.80 -21.32
CA PRO A 322 -4.55 10.50 -20.97
C PRO A 322 -3.00 10.46 -20.93
N GLU A 323 -2.50 9.27 -20.57
CA GLU A 323 -1.09 8.90 -20.31
C GLU A 323 -0.85 8.63 -18.82
N GLY B 1 -10.07 25.26 -18.41
CA GLY B 1 -10.39 25.34 -16.99
C GLY B 1 -9.86 26.62 -16.35
N LEU B 2 -10.77 27.34 -15.69
CA LEU B 2 -10.44 28.59 -15.01
C LEU B 2 -9.36 28.40 -13.93
N PHE B 3 -9.28 27.22 -13.32
CA PHE B 3 -8.37 27.04 -12.19
C PHE B 3 -6.96 26.58 -12.56
N GLY B 4 -6.81 26.02 -13.76
CA GLY B 4 -5.49 25.66 -14.25
C GLY B 4 -4.95 24.37 -13.68
N ALA B 5 -5.83 23.57 -13.09
CA ALA B 5 -5.43 22.29 -12.50
C ALA B 5 -5.43 21.19 -13.58
N ILE B 6 -6.61 20.76 -13.99
CA ILE B 6 -6.76 19.79 -15.05
C ILE B 6 -6.25 20.37 -16.38
N ALA B 7 -5.38 19.64 -17.08
CA ALA B 7 -4.71 20.14 -18.29
C ALA B 7 -3.96 21.44 -17.98
N GLY B 8 -3.52 21.57 -16.73
CA GLY B 8 -2.76 22.71 -16.29
C GLY B 8 -1.53 22.25 -15.54
N PHE B 9 -1.47 22.51 -14.23
CA PHE B 9 -0.31 22.09 -13.45
C PHE B 9 -0.31 20.60 -13.12
N ILE B 10 -1.48 19.96 -13.19
CA ILE B 10 -1.56 18.51 -13.26
C ILE B 10 -1.44 18.19 -14.73
N GLU B 11 -0.35 17.52 -15.13
CA GLU B 11 -0.04 17.40 -16.56
C GLU B 11 -0.96 16.44 -17.34
N ASN B 12 -1.44 15.40 -16.68
CA ASN B 12 -2.38 14.48 -17.32
C ASN B 12 -3.16 13.69 -16.30
N GLY B 13 -4.21 13.00 -16.75
CA GLY B 13 -5.00 12.15 -15.87
C GLY B 13 -4.41 10.76 -15.73
N TRP B 14 -5.05 9.95 -14.88
CA TRP B 14 -4.58 8.61 -14.55
C TRP B 14 -5.55 7.56 -15.05
N GLN B 15 -5.15 6.78 -16.04
CA GLN B 15 -6.03 5.75 -16.56
C GLN B 15 -6.20 4.61 -15.55
N GLY B 16 -5.18 4.40 -14.73
CA GLY B 16 -5.25 3.40 -13.67
C GLY B 16 -6.26 3.71 -12.58
N LEU B 17 -6.63 4.98 -12.44
CA LEU B 17 -7.64 5.38 -11.45
C LEU B 17 -9.04 5.11 -12.01
N ILE B 18 -9.63 4.00 -11.59
CA ILE B 18 -10.86 3.51 -12.20
C ILE B 18 -12.02 3.44 -11.22
N ASP B 19 -11.76 3.74 -9.95
CA ASP B 19 -12.82 3.69 -8.95
C ASP B 19 -13.10 5.09 -8.39
N GLY B 20 -12.70 6.12 -9.14
CA GLY B 20 -13.00 7.49 -8.76
C GLY B 20 -12.56 8.50 -9.81
N TRP B 21 -13.08 9.73 -9.71
CA TRP B 21 -12.73 10.82 -10.63
C TRP B 21 -11.45 11.51 -10.21
N TYR B 22 -11.22 11.53 -8.90
CA TYR B 22 -10.05 12.18 -8.34
C TYR B 22 -9.45 11.25 -7.33
N GLY B 23 -8.18 11.46 -6.99
CA GLY B 23 -7.51 10.63 -6.02
C GLY B 23 -6.09 11.01 -5.67
N PHE B 24 -5.42 10.10 -4.95
CA PHE B 24 -4.08 10.33 -4.43
C PHE B 24 -3.13 9.29 -5.01
N ARG B 25 -1.90 9.72 -5.28
CA ARG B 25 -0.85 8.78 -5.68
C ARG B 25 0.42 9.10 -4.90
N HIS B 26 0.90 8.14 -4.12
CA HIS B 26 2.01 8.40 -3.22
C HIS B 26 3.22 7.51 -3.52
N GLN B 27 4.37 7.92 -3.02
CA GLN B 27 5.53 7.05 -2.96
C GLN B 27 6.23 7.31 -1.63
N ASN B 28 6.39 6.26 -0.84
CA ASN B 28 7.15 6.33 0.42
C ASN B 28 8.15 5.18 0.47
N ALA B 29 8.80 5.00 1.62
CA ALA B 29 9.84 3.96 1.76
C ALA B 29 9.33 2.53 1.50
N GLU B 30 8.04 2.28 1.75
CA GLU B 30 7.53 0.92 1.57
C GLU B 30 6.84 0.67 0.23
N GLY B 31 6.82 1.68 -0.65
CA GLY B 31 6.21 1.51 -1.96
C GLY B 31 5.35 2.65 -2.48
N THR B 32 4.52 2.34 -3.48
CA THR B 32 3.62 3.30 -4.13
C THR B 32 2.18 2.82 -4.12
N GLY B 33 1.26 3.76 -4.22
CA GLY B 33 -0.14 3.42 -4.24
C GLY B 33 -0.98 4.48 -4.93
N THR B 34 -2.20 4.11 -5.30
CA THR B 34 -3.16 5.02 -5.89
C THR B 34 -4.51 4.72 -5.25
N ALA B 35 -5.16 5.76 -4.72
CA ALA B 35 -6.47 5.59 -4.08
C ALA B 35 -7.40 6.74 -4.46
N ALA B 36 -8.68 6.41 -4.69
CA ALA B 36 -9.68 7.42 -5.07
C ALA B 36 -10.07 8.30 -3.89
N ASP B 37 -10.43 9.55 -4.17
CA ASP B 37 -11.04 10.43 -3.15
C ASP B 37 -12.55 10.49 -3.37
N LEU B 38 -13.30 10.00 -2.40
CA LEU B 38 -14.75 9.84 -2.54
C LEU B 38 -15.47 11.18 -2.57
N LYS B 39 -15.04 12.11 -1.71
CA LYS B 39 -15.78 13.34 -1.46
C LYS B 39 -15.68 14.31 -2.64
N SER B 40 -14.47 14.49 -3.16
CA SER B 40 -14.27 15.29 -4.38
C SER B 40 -15.00 14.65 -5.56
N THR B 41 -14.90 13.33 -5.68
CA THR B 41 -15.57 12.60 -6.76
C THR B 41 -17.07 12.83 -6.71
N GLN B 42 -17.66 12.67 -5.54
CA GLN B 42 -19.10 12.75 -5.37
C GLN B 42 -19.60 14.16 -5.64
N ALA B 43 -18.80 15.15 -5.25
CA ALA B 43 -19.16 16.56 -5.44
C ALA B 43 -19.30 16.89 -6.92
N ALA B 44 -18.30 16.45 -7.69
CA ALA B 44 -18.35 16.62 -9.14
C ALA B 44 -19.54 15.87 -9.76
N ILE B 45 -19.73 14.61 -9.37
CA ILE B 45 -20.81 13.79 -9.91
C ILE B 45 -22.19 14.39 -9.58
N ASP B 46 -22.35 14.84 -8.35
CA ASP B 46 -23.61 15.45 -7.91
C ASP B 46 -23.92 16.69 -8.76
N GLN B 47 -22.90 17.49 -9.07
CA GLN B 47 -23.11 18.72 -9.82
C GLN B 47 -23.42 18.45 -11.30
N ILE B 48 -23.04 17.28 -11.79
CA ILE B 48 -23.26 16.92 -13.19
C ILE B 48 -24.61 16.23 -13.43
N ASN B 49 -24.98 15.28 -12.58
CA ASN B 49 -26.30 14.65 -12.68
C ASN B 49 -27.39 15.66 -12.37
N GLY B 50 -27.05 16.68 -11.57
CA GLY B 50 -27.94 17.80 -11.35
C GLY B 50 -28.36 18.50 -12.65
N LYS B 51 -27.39 18.78 -13.52
CA LYS B 51 -27.66 19.39 -14.82
C LYS B 51 -28.51 18.46 -15.66
N LEU B 52 -28.12 17.18 -15.64
CA LEU B 52 -28.81 16.14 -16.41
C LEU B 52 -30.29 16.12 -16.10
N ASN B 53 -30.62 16.15 -14.82
CA ASN B 53 -32.01 16.04 -14.38
C ASN B 53 -32.86 17.31 -14.64
N ARG B 54 -32.24 18.48 -14.60
CA ARG B 54 -32.94 19.72 -14.93
C ARG B 54 -33.27 19.72 -16.42
N LEU B 55 -32.41 19.08 -17.19
CA LEU B 55 -32.59 18.92 -18.63
C LEU B 55 -33.67 17.90 -18.95
N ILE B 56 -33.42 16.66 -18.56
CA ILE B 56 -34.25 15.52 -18.95
C ILE B 56 -35.58 15.49 -18.18
N GLU B 57 -36.65 15.66 -18.96
CA GLU B 57 -38.02 15.97 -18.52
C GLU B 57 -38.28 17.43 -18.18
N LYS B 58 -38.82 18.12 -19.19
CA LYS B 58 -39.53 19.37 -19.03
C LYS B 58 -40.80 19.14 -19.82
N THR B 59 -41.52 20.19 -20.20
CA THR B 59 -42.86 19.97 -20.73
C THR B 59 -43.16 20.51 -22.14
N ASN B 60 -43.08 19.64 -23.14
CA ASN B 60 -43.51 19.96 -24.51
C ASN B 60 -44.64 19.03 -24.97
N ASP B 61 -45.77 19.09 -24.26
CA ASP B 61 -46.90 18.23 -24.50
C ASP B 61 -47.89 18.94 -25.43
N LYS B 62 -47.82 18.63 -26.72
CA LYS B 62 -48.54 19.39 -27.74
C LYS B 62 -49.42 18.51 -28.64
N TYR B 63 -50.67 18.93 -28.82
CA TYR B 63 -51.56 18.18 -29.68
C TYR B 63 -51.90 18.95 -30.93
N HIS B 64 -53.06 19.60 -30.94
CA HIS B 64 -53.45 20.35 -32.14
C HIS B 64 -52.57 21.56 -32.35
N GLN B 65 -51.92 21.62 -33.52
CA GLN B 65 -50.97 22.68 -33.81
C GLN B 65 -51.37 23.39 -35.09
N ILE B 66 -50.52 23.32 -36.11
CA ILE B 66 -50.85 23.80 -37.46
C ILE B 66 -50.27 22.82 -38.47
N GLU B 67 -50.77 22.89 -39.70
CA GLU B 67 -50.20 22.09 -40.78
C GLU B 67 -48.78 22.56 -41.04
N LYS B 68 -47.90 21.62 -41.41
CA LYS B 68 -46.49 21.95 -41.58
C LYS B 68 -45.91 21.44 -42.89
N GLU B 69 -46.69 20.63 -43.61
CA GLU B 69 -46.30 20.16 -44.94
C GLU B 69 -47.39 20.53 -45.94
N PHE B 70 -46.98 20.99 -47.12
CA PHE B 70 -47.93 21.43 -48.14
C PHE B 70 -47.52 20.91 -49.52
N GLU B 71 -48.48 20.47 -50.32
CA GLU B 71 -48.18 19.94 -51.65
C GLU B 71 -47.88 21.10 -52.61
N GLN B 72 -48.82 22.02 -52.68
CA GLN B 72 -48.74 23.13 -53.62
C GLN B 72 -48.90 24.47 -52.88
N VAL B 73 -48.20 25.50 -53.36
CA VAL B 73 -48.33 26.86 -52.81
C VAL B 73 -49.77 27.39 -52.89
N GLU B 74 -50.18 28.16 -51.88
CA GLU B 74 -51.48 28.81 -51.87
C GLU B 74 -51.33 30.32 -51.73
N GLY B 75 -50.17 30.76 -51.30
CA GLY B 75 -49.95 32.17 -51.08
C GLY B 75 -49.91 32.59 -49.62
N ARG B 76 -50.65 33.64 -49.31
CA ARG B 76 -50.46 34.42 -48.08
C ARG B 76 -50.55 33.63 -46.78
N ILE B 77 -51.65 32.89 -46.61
CA ILE B 77 -51.86 32.13 -45.38
C ILE B 77 -50.79 31.05 -45.21
N GLN B 78 -50.52 30.31 -46.28
CA GLN B 78 -49.50 29.27 -46.24
C GLN B 78 -48.11 29.83 -45.93
N ASP B 79 -47.78 30.97 -46.56
CA ASP B 79 -46.52 31.66 -46.31
C ASP B 79 -46.32 31.93 -44.83
N LEU B 80 -47.37 32.46 -44.19
CA LEU B 80 -47.35 32.76 -42.75
C LEU B 80 -47.14 31.51 -41.91
N GLU B 81 -47.88 30.44 -42.23
CA GLU B 81 -47.75 29.17 -41.52
C GLU B 81 -46.34 28.60 -41.60
N LYS B 82 -45.74 28.71 -42.78
CA LYS B 82 -44.38 28.21 -42.97
C LYS B 82 -43.39 29.13 -42.27
N TYR B 83 -43.65 30.44 -42.30
CA TYR B 83 -42.76 31.38 -41.65
C TYR B 83 -42.76 31.22 -40.13
N VAL B 84 -43.94 31.01 -39.55
CA VAL B 84 -44.07 30.77 -38.13
C VAL B 84 -43.31 29.53 -37.69
N GLU B 85 -43.48 28.43 -38.43
CA GLU B 85 -42.78 27.20 -38.07
C GLU B 85 -41.26 27.33 -38.23
N ASP B 86 -40.82 27.93 -39.33
CA ASP B 86 -39.38 28.13 -39.56
C ASP B 86 -38.79 29.06 -38.50
N THR B 87 -39.56 30.06 -38.10
CA THR B 87 -39.10 30.98 -37.06
C THR B 87 -38.95 30.21 -35.74
N LYS B 88 -39.96 29.41 -35.41
CA LYS B 88 -39.97 28.64 -34.19
C LYS B 88 -38.79 27.65 -34.11
N ILE B 89 -38.52 26.94 -35.21
CA ILE B 89 -37.42 25.96 -35.26
C ILE B 89 -36.03 26.59 -35.12
N ASP B 90 -35.80 27.73 -35.76
CA ASP B 90 -34.50 28.41 -35.61
C ASP B 90 -34.24 28.85 -34.18
N LEU B 91 -35.28 29.38 -33.53
CA LEU B 91 -35.15 29.85 -32.15
C LEU B 91 -34.84 28.67 -31.22
N TRP B 92 -35.54 27.55 -31.38
CA TRP B 92 -35.26 26.38 -30.53
C TRP B 92 -33.88 25.76 -30.80
N SER B 93 -33.52 25.65 -32.07
CA SER B 93 -32.18 25.19 -32.43
C SER B 93 -31.11 26.10 -31.84
N TYR B 94 -31.31 27.42 -31.93
CA TYR B 94 -30.41 28.33 -31.23
C TYR B 94 -30.37 28.03 -29.74
N ASN B 95 -31.55 27.85 -29.11
CA ASN B 95 -31.56 27.59 -27.66
C ASN B 95 -30.77 26.32 -27.29
N ALA B 96 -30.98 25.26 -28.06
CA ALA B 96 -30.29 23.99 -27.84
C ALA B 96 -28.77 24.11 -27.99
N GLU B 97 -28.32 24.83 -29.01
CA GLU B 97 -26.89 25.02 -29.25
C GLU B 97 -26.26 25.83 -28.11
N LEU B 98 -26.91 26.90 -27.69
CA LEU B 98 -26.36 27.75 -26.63
C LEU B 98 -26.38 26.99 -25.31
N LEU B 99 -27.48 26.29 -25.04
CA LEU B 99 -27.59 25.53 -23.79
C LEU B 99 -26.42 24.56 -23.59
N VAL B 100 -26.13 23.76 -24.61
CA VAL B 100 -25.07 22.76 -24.50
C VAL B 100 -23.69 23.38 -24.34
N ALA B 101 -23.45 24.48 -25.04
CA ALA B 101 -22.19 25.20 -24.92
C ALA B 101 -21.98 25.79 -23.52
N LEU B 102 -23.03 26.36 -22.92
CA LEU B 102 -22.95 26.92 -21.57
C LEU B 102 -22.73 25.83 -20.54
N GLU B 103 -23.53 24.77 -20.65
CA GLU B 103 -23.46 23.65 -19.71
C GLU B 103 -22.08 23.02 -19.74
N ASN B 104 -21.55 22.79 -20.94
CA ASN B 104 -20.24 22.18 -21.07
C ASN B 104 -19.13 23.06 -20.53
N GLN B 105 -19.19 24.36 -20.85
CA GLN B 105 -18.21 25.30 -20.29
C GLN B 105 -18.28 25.26 -18.77
N HIS B 106 -19.50 25.22 -18.24
CA HIS B 106 -19.67 25.12 -16.79
C HIS B 106 -19.14 23.79 -16.22
N THR B 107 -19.45 22.68 -16.88
CA THR B 107 -19.03 21.35 -16.40
C THR B 107 -17.51 21.24 -16.31
N ILE B 108 -16.84 21.72 -17.35
CA ILE B 108 -15.39 21.71 -17.38
C ILE B 108 -14.82 22.57 -16.25
N ASP B 109 -15.40 23.73 -15.99
CA ASP B 109 -14.89 24.58 -14.91
C ASP B 109 -15.13 23.93 -13.55
N VAL B 110 -16.32 23.35 -13.37
CA VAL B 110 -16.64 22.63 -12.13
C VAL B 110 -15.66 21.51 -11.84
N THR B 111 -15.39 20.67 -12.84
CA THR B 111 -14.48 19.54 -12.62
C THR B 111 -13.05 20.02 -12.39
N ASP B 112 -12.66 21.11 -13.05
CA ASP B 112 -11.35 21.70 -12.81
C ASP B 112 -11.30 22.28 -11.39
N SER B 113 -12.41 22.88 -10.96
CA SER B 113 -12.54 23.41 -9.61
C SER B 113 -12.38 22.32 -8.52
N GLU B 114 -13.08 21.20 -8.68
CA GLU B 114 -13.01 20.13 -7.68
C GLU B 114 -11.62 19.55 -7.56
N MET B 115 -10.91 19.46 -8.69
CA MET B 115 -9.53 19.02 -8.66
C MET B 115 -8.70 19.98 -7.82
N ASN B 116 -8.86 21.28 -8.07
CA ASN B 116 -8.13 22.28 -7.31
C ASN B 116 -8.49 22.29 -5.82
N LYS B 117 -9.78 22.11 -5.52
CA LYS B 117 -10.22 22.03 -4.12
C LYS B 117 -9.55 20.88 -3.38
N LEU B 118 -9.50 19.71 -4.03
CA LEU B 118 -8.85 18.54 -3.43
C LEU B 118 -7.37 18.86 -3.16
N PHE B 119 -6.69 19.44 -4.13
CA PHE B 119 -5.29 19.79 -3.96
C PHE B 119 -5.09 20.77 -2.81
N GLU B 120 -5.98 21.75 -2.74
CA GLU B 120 -5.88 22.80 -1.71
C GLU B 120 -6.17 22.25 -0.32
N ARG B 121 -7.14 21.34 -0.24
CA ARG B 121 -7.46 20.66 1.03
C ARG B 121 -6.26 19.90 1.59
N VAL B 122 -5.59 19.14 0.74
CA VAL B 122 -4.43 18.35 1.18
C VAL B 122 -3.31 19.29 1.61
N ARG B 123 -3.10 20.34 0.82
CA ARG B 123 -2.08 21.34 1.14
C ARG B 123 -2.28 21.90 2.54
N ARG B 124 -3.53 22.21 2.88
CA ARG B 124 -3.86 22.75 4.18
C ARG B 124 -3.64 21.74 5.33
N GLN B 125 -3.89 20.47 5.08
CA GLN B 125 -3.64 19.46 6.12
C GLN B 125 -2.14 19.40 6.43
N LEU B 126 -1.33 19.61 5.40
CA LEU B 126 0.11 19.36 5.49
C LEU B 126 0.91 20.48 6.16
N ARG B 127 0.30 21.66 6.29
CA ARG B 127 0.93 22.81 6.96
C ARG B 127 2.36 23.04 6.50
N GLU B 128 3.28 23.07 7.47
CA GLU B 128 4.68 23.33 7.16
C GLU B 128 5.47 22.05 6.96
N ASN B 129 4.79 20.91 6.91
CA ASN B 129 5.49 19.62 6.82
C ASN B 129 5.83 19.19 5.39
N ALA B 130 5.41 19.97 4.41
CA ALA B 130 5.55 19.58 3.00
C ALA B 130 5.68 20.80 2.10
N GLU B 131 6.15 20.57 0.87
CA GLU B 131 6.27 21.65 -0.11
C GLU B 131 5.67 21.26 -1.46
N ASP B 132 4.98 22.20 -2.08
CA ASP B 132 4.43 22.03 -3.42
C ASP B 132 5.58 21.88 -4.43
N LYS B 133 5.56 20.80 -5.20
CA LYS B 133 6.60 20.59 -6.22
C LYS B 133 6.19 21.17 -7.57
N GLY B 134 4.93 21.58 -7.70
CA GLY B 134 4.47 22.27 -8.91
C GLY B 134 3.69 21.44 -9.91
N ASN B 135 3.60 20.13 -9.67
CA ASN B 135 2.96 19.21 -10.60
C ASN B 135 1.77 18.54 -9.96
N GLY B 136 1.21 19.17 -8.93
CA GLY B 136 0.14 18.58 -8.15
C GLY B 136 0.64 17.60 -7.10
N CYS B 137 1.94 17.62 -6.85
CA CYS B 137 2.54 16.72 -5.86
C CYS B 137 3.15 17.47 -4.69
N PHE B 138 3.06 16.88 -3.50
CA PHE B 138 3.77 17.41 -2.34
C PHE B 138 4.95 16.55 -1.97
N GLU B 139 6.09 17.20 -1.77
CA GLU B 139 7.21 16.55 -1.15
C GLU B 139 7.02 16.63 0.37
N ILE B 140 7.04 15.47 1.02
CA ILE B 140 6.80 15.40 2.46
C ILE B 140 8.15 15.25 3.17
N PHE B 141 8.46 16.19 4.08
CA PHE B 141 9.80 16.23 4.66
C PHE B 141 9.95 15.46 5.98
N HIS B 142 9.26 14.32 6.06
CA HIS B 142 9.39 13.42 7.20
C HIS B 142 9.01 12.04 6.70
N LYS B 143 9.42 11.01 7.42
CA LYS B 143 9.02 9.66 7.06
C LYS B 143 7.50 9.53 7.18
N CYS B 144 6.89 8.94 6.16
CA CYS B 144 5.44 8.86 6.10
C CYS B 144 5.06 7.47 5.59
N ASP B 145 4.91 6.54 6.53
CA ASP B 145 4.55 5.17 6.20
C ASP B 145 3.10 5.06 5.70
N ASN B 146 2.66 3.87 5.32
CA ASN B 146 1.31 3.67 4.79
C ASN B 146 0.20 4.19 5.70
N ASN B 147 0.35 4.01 7.00
CA ASN B 147 -0.63 4.53 7.95
C ASN B 147 -0.68 6.06 7.89
N CYS B 148 0.50 6.68 7.88
CA CYS B 148 0.64 8.12 7.70
C CYS B 148 -0.06 8.60 6.41
N ILE B 149 0.27 7.97 5.29
CA ILE B 149 -0.32 8.32 4.00
C ILE B 149 -1.85 8.27 4.10
N GLU B 150 -2.36 7.15 4.59
CA GLU B 150 -3.79 6.97 4.78
C GLU B 150 -4.40 8.07 5.68
N SER B 151 -3.67 8.50 6.68
CA SER B 151 -4.18 9.58 7.56
C SER B 151 -4.38 10.90 6.79
N ILE B 152 -3.51 11.15 5.81
CA ILE B 152 -3.65 12.33 4.96
C ILE B 152 -4.88 12.18 4.05
N ARG B 153 -5.07 10.96 3.53
CA ARG B 153 -6.20 10.66 2.65
C ARG B 153 -7.56 10.72 3.35
N ASN B 154 -7.64 10.24 4.59
CA ASN B 154 -8.93 10.27 5.30
C ASN B 154 -9.12 11.50 6.18
N GLY B 155 -8.14 12.40 6.17
CA GLY B 155 -8.23 13.66 6.89
C GLY B 155 -7.99 13.62 8.39
N THR B 156 -7.24 12.63 8.87
CA THR B 156 -6.88 12.57 10.29
C THR B 156 -5.41 12.93 10.56
N TYR B 157 -4.68 13.24 9.49
CA TYR B 157 -3.27 13.61 9.61
C TYR B 157 -3.10 14.78 10.58
N ASP B 158 -2.26 14.58 11.60
CA ASP B 158 -2.00 15.60 12.59
C ASP B 158 -0.58 16.15 12.39
N HIS B 159 -0.51 17.36 11.82
CA HIS B 159 0.76 17.93 11.39
C HIS B 159 1.73 18.18 12.55
N ASP B 160 1.19 18.42 13.74
CA ASP B 160 2.04 18.64 14.92
C ASP B 160 2.92 17.44 15.24
N ILE B 161 2.44 16.25 14.90
CA ILE B 161 3.17 15.01 15.18
C ILE B 161 4.52 15.01 14.49
N TYR B 162 4.56 15.50 13.25
CA TYR B 162 5.76 15.42 12.43
C TYR B 162 6.50 16.76 12.25
N ARG B 163 5.98 17.83 12.83
CA ARG B 163 6.48 19.18 12.51
C ARG B 163 7.97 19.40 12.79
N ASP B 164 8.44 18.93 13.94
CA ASP B 164 9.85 19.15 14.28
C ASP B 164 10.79 18.44 13.31
N GLU B 165 10.49 17.17 13.02
CA GLU B 165 11.25 16.39 12.04
C GLU B 165 11.23 17.11 10.68
N ALA B 166 10.04 17.58 10.28
CA ALA B 166 9.87 18.23 8.98
C ALA B 166 10.59 19.57 8.84
N ILE B 167 10.40 20.46 9.81
CA ILE B 167 11.10 21.75 9.82
C ILE B 167 12.62 21.56 9.68
N ASN B 168 13.18 20.67 10.51
CA ASN B 168 14.61 20.38 10.47
C ASN B 168 15.08 19.91 9.09
N ASN B 169 14.27 19.10 8.44
CA ASN B 169 14.66 18.63 7.11
C ASN B 169 14.57 19.71 6.02
N ARG B 170 13.55 20.55 6.10
CA ARG B 170 13.35 21.63 5.12
C ARG B 170 14.44 22.70 5.19
N PHE B 171 14.91 23.01 6.39
CA PHE B 171 15.76 24.19 6.59
C PHE B 171 17.21 23.92 7.00
N GLN B 172 17.59 22.64 7.05
CA GLN B 172 18.99 22.26 7.29
C GLN B 172 19.37 20.97 6.56
N GLY C 5 -4.95 -12.04 -14.25
CA GLY C 5 -3.79 -12.90 -14.42
C GLY C 5 -2.56 -12.03 -14.48
N ASN C 6 -2.40 -11.20 -13.45
CA ASN C 6 -1.65 -9.96 -13.58
C ASN C 6 -0.91 -9.48 -12.30
N PRO C 7 -1.57 -9.52 -11.12
CA PRO C 7 -0.80 -9.17 -9.91
C PRO C 7 0.38 -10.12 -9.70
N VAL C 8 1.45 -9.62 -9.08
CA VAL C 8 2.62 -10.43 -8.77
C VAL C 8 3.01 -10.28 -7.29
N ILE C 9 3.38 -11.38 -6.63
CA ILE C 9 3.96 -11.28 -5.30
C ILE C 9 5.34 -11.93 -5.29
N CYS C 10 6.34 -11.21 -4.76
CA CYS C 10 7.71 -11.72 -4.74
C CYS C 10 8.16 -11.93 -3.31
N MET C 11 8.84 -13.05 -3.08
CA MET C 11 9.44 -13.30 -1.78
C MET C 11 10.94 -13.03 -1.86
N GLY C 12 11.47 -12.35 -0.86
CA GLY C 12 12.85 -11.92 -0.89
C GLY C 12 13.50 -11.79 0.47
N HIS C 13 14.72 -11.26 0.47
CA HIS C 13 15.49 -11.11 1.70
C HIS C 13 16.27 -9.81 1.68
N HIS C 14 16.71 -9.35 2.84
CA HIS C 14 17.41 -8.07 2.89
C HIS C 14 18.85 -8.14 2.33
N ALA C 15 19.44 -6.96 2.16
CA ALA C 15 20.83 -6.83 1.76
C ALA C 15 21.32 -5.46 2.19
N VAL C 16 22.64 -5.30 2.28
CA VAL C 16 23.24 -3.99 2.56
C VAL C 16 24.27 -3.67 1.48
N ALA C 17 24.71 -2.41 1.41
CA ALA C 17 25.64 -2.01 0.36
C ALA C 17 26.96 -2.76 0.48
N ASN C 18 27.49 -2.83 1.71
CA ASN C 18 28.75 -3.52 1.94
C ASN C 18 28.76 -4.36 3.23
N GLY C 19 28.85 -5.69 3.06
CA GLY C 19 28.89 -6.60 4.19
C GLY C 19 30.29 -6.99 4.61
N THR C 20 30.40 -8.08 5.38
CA THR C 20 31.67 -8.57 5.89
C THR C 20 32.03 -9.93 5.28
N MET C 21 33.33 -10.14 5.02
CA MET C 21 33.83 -11.40 4.49
C MET C 21 34.07 -12.42 5.61
N VAL C 22 33.61 -13.66 5.40
CA VAL C 22 33.85 -14.75 6.36
C VAL C 22 34.32 -16.01 5.64
N LYS C 23 34.83 -16.99 6.40
CA LYS C 23 35.23 -18.26 5.81
C LYS C 23 34.22 -19.36 6.11
N THR C 24 34.06 -20.26 5.15
CA THR C 24 33.37 -21.52 5.36
C THR C 24 34.34 -22.68 5.11
N LEU C 25 33.80 -23.90 5.08
CA LEU C 25 34.60 -25.07 4.78
C LEU C 25 35.11 -25.03 3.32
N ALA C 26 34.27 -24.47 2.44
CA ALA C 26 34.56 -24.42 1.02
C ALA C 26 35.15 -23.08 0.57
N ASP C 27 34.60 -21.98 1.07
CA ASP C 27 35.00 -20.65 0.59
C ASP C 27 35.69 -19.83 1.68
N ASP C 28 36.78 -19.17 1.33
CA ASP C 28 37.54 -18.36 2.29
C ASP C 28 37.09 -16.89 2.32
N GLN C 29 36.33 -16.47 1.30
CA GLN C 29 35.81 -15.11 1.26
C GLN C 29 34.35 -15.08 0.80
N VAL C 30 33.44 -15.23 1.75
CA VAL C 30 32.00 -15.14 1.50
C VAL C 30 31.50 -13.87 2.18
N GLU C 31 30.79 -13.02 1.43
CA GLU C 31 30.23 -11.81 2.02
C GLU C 31 28.87 -12.07 2.65
N VAL C 32 28.76 -11.75 3.93
CA VAL C 32 27.53 -11.87 4.68
C VAL C 32 27.14 -10.50 5.22
N VAL C 33 25.85 -10.35 5.55
CA VAL C 33 25.29 -9.06 5.96
C VAL C 33 25.91 -8.53 7.26
N THR C 34 26.02 -9.38 8.26
CA THR C 34 26.69 -9.04 9.51
C THR C 34 27.60 -10.17 9.96
N ALA C 35 28.66 -9.80 10.67
CA ALA C 35 29.57 -10.78 11.25
C ALA C 35 30.05 -10.32 12.62
N GLN C 36 30.61 -11.24 13.39
CA GLN C 36 31.13 -10.91 14.71
C GLN C 36 32.54 -11.47 14.89
N GLU C 37 33.48 -10.59 15.25
CA GLU C 37 34.86 -10.99 15.52
C GLU C 37 34.97 -11.81 16.80
N LEU C 38 35.61 -12.98 16.71
CA LEU C 38 35.74 -13.87 17.87
C LEU C 38 37.11 -13.82 18.55
N VAL C 39 38.09 -13.19 17.89
CA VAL C 39 39.42 -13.06 18.48
C VAL C 39 39.64 -11.68 19.09
N GLU C 40 39.86 -11.62 20.40
CA GLU C 40 40.21 -10.36 21.06
C GLU C 40 41.67 -9.99 20.78
N SER C 41 41.89 -8.82 20.18
CA SER C 41 43.24 -8.40 19.78
C SER C 41 43.61 -7.02 20.32
N GLN C 42 42.82 -6.54 21.27
CA GLN C 42 43.10 -5.27 21.93
C GLN C 42 43.17 -5.54 23.42
N ASN C 43 44.21 -5.03 24.07
CA ASN C 43 44.32 -5.15 25.52
C ASN C 43 44.26 -3.77 26.19
N LEU C 44 43.93 -3.77 27.49
CA LEU C 44 44.02 -2.55 28.29
C LEU C 44 45.48 -2.25 28.57
N PRO C 45 45.85 -0.96 28.66
CA PRO C 45 47.24 -0.55 28.92
C PRO C 45 47.58 -0.62 30.40
N GLU C 46 46.70 -1.26 31.18
CA GLU C 46 46.87 -1.37 32.62
C GLU C 46 46.31 -2.70 33.14
N LEU C 47 46.53 -2.98 34.42
CA LEU C 47 45.97 -4.17 35.07
C LEU C 47 44.87 -3.79 36.05
N CYS C 48 43.80 -4.60 36.08
CA CYS C 48 42.65 -4.30 36.93
C CYS C 48 42.76 -4.99 38.28
N PRO C 49 42.71 -4.19 39.36
CA PRO C 49 42.88 -4.66 40.74
C PRO C 49 41.60 -5.29 41.27
N SER C 50 40.58 -5.30 40.42
CA SER C 50 39.28 -5.87 40.75
C SER C 50 38.82 -6.71 39.57
N PRO C 51 38.21 -7.88 39.84
CA PRO C 51 37.87 -8.40 41.17
C PRO C 51 38.88 -9.40 41.74
N LEU C 52 39.97 -9.69 41.04
CA LEU C 52 41.01 -10.55 41.59
C LEU C 52 41.94 -9.70 42.46
N ARG C 53 42.44 -10.26 43.55
CA ARG C 53 43.38 -9.53 44.39
C ARG C 53 44.78 -9.57 43.76
N LEU C 54 45.24 -8.42 43.27
CA LEU C 54 46.60 -8.30 42.75
C LEU C 54 47.53 -7.67 43.81
N VAL C 55 48.70 -8.26 44.01
CA VAL C 55 49.69 -7.69 44.92
C VAL C 55 50.95 -7.30 44.15
N ASP C 56 51.27 -6.01 44.18
CA ASP C 56 52.43 -5.47 43.47
C ASP C 56 53.71 -5.62 44.28
N GLY C 57 54.62 -6.49 43.81
CA GLY C 57 55.87 -6.69 44.51
C GLY C 57 56.71 -5.43 44.45
N GLN C 58 56.49 -4.64 43.39
CA GLN C 58 57.24 -3.41 43.13
C GLN C 58 58.67 -3.93 43.06
N THR C 59 59.54 -3.37 43.90
CA THR C 59 60.99 -3.51 43.78
C THR C 59 61.46 -4.91 44.17
N CYS C 60 60.62 -5.63 44.92
CA CYS C 60 60.95 -6.99 45.37
C CYS C 60 60.35 -8.05 44.49
N ASP C 61 61.17 -9.01 44.03
CA ASP C 61 60.60 -10.20 43.43
C ASP C 61 60.04 -11.07 44.55
N ILE C 62 59.34 -12.14 44.22
CA ILE C 62 58.65 -12.91 45.25
C ILE C 62 59.62 -13.67 46.18
N ILE C 63 60.77 -14.08 45.67
CA ILE C 63 61.75 -14.74 46.52
C ILE C 63 62.28 -13.78 47.60
N ASN C 64 62.71 -12.60 47.18
CA ASN C 64 63.16 -11.56 48.12
C ASN C 64 62.09 -11.16 49.12
N GLY C 65 60.83 -11.15 48.67
CA GLY C 65 59.71 -10.94 49.56
C GLY C 65 59.68 -12.00 50.66
N ALA C 66 59.82 -13.26 50.26
CA ALA C 66 59.80 -14.37 51.21
C ALA C 66 60.98 -14.35 52.18
N LEU C 67 62.15 -13.97 51.68
CA LEU C 67 63.35 -13.91 52.51
C LEU C 67 63.30 -12.72 53.45
N GLY C 68 62.49 -11.72 53.11
CA GLY C 68 62.41 -10.50 53.88
C GLY C 68 63.61 -9.60 53.68
N SER C 69 63.93 -9.35 52.41
CA SER C 69 64.96 -8.39 52.04
C SER C 69 64.50 -6.97 52.35
N PRO C 70 65.45 -6.02 52.43
CA PRO C 70 65.05 -4.61 52.60
C PRO C 70 64.21 -4.13 51.43
N GLY C 71 63.22 -3.29 51.69
CA GLY C 71 62.32 -2.82 50.64
C GLY C 71 61.11 -3.72 50.45
N CYS C 72 61.15 -4.89 51.07
CA CYS C 72 60.11 -5.90 50.91
C CYS C 72 59.10 -5.91 52.06
N ASP C 73 59.13 -4.88 52.90
CA ASP C 73 58.28 -4.84 54.08
C ASP C 73 56.79 -4.77 53.76
N HIS C 74 56.46 -4.17 52.61
CA HIS C 74 55.07 -4.02 52.18
C HIS C 74 54.40 -5.36 51.87
N LEU C 75 55.20 -6.41 51.74
CA LEU C 75 54.70 -7.73 51.36
C LEU C 75 54.29 -8.61 52.56
N ASN C 76 54.63 -8.16 53.77
CA ASN C 76 54.27 -8.90 54.97
C ASN C 76 52.76 -8.95 55.16
N GLY C 77 52.23 -10.14 55.42
CA GLY C 77 50.79 -10.32 55.61
C GLY C 77 49.98 -10.32 54.32
N ALA C 78 50.63 -9.98 53.22
CA ALA C 78 49.96 -9.88 51.91
C ALA C 78 49.29 -11.20 51.46
N GLU C 79 48.06 -11.07 50.96
CA GLU C 79 47.32 -12.20 50.40
C GLU C 79 46.96 -11.87 48.97
N TRP C 80 47.19 -12.81 48.06
CA TRP C 80 46.95 -12.54 46.63
C TRP C 80 46.28 -13.67 45.88
N ASP C 81 45.56 -13.31 44.82
CA ASP C 81 45.15 -14.26 43.79
C ASP C 81 46.30 -14.32 42.79
N VAL C 82 46.77 -13.15 42.36
CA VAL C 82 47.88 -13.03 41.41
C VAL C 82 48.94 -12.07 41.95
N PHE C 83 50.15 -12.59 42.19
CA PHE C 83 51.28 -11.76 42.59
C PHE C 83 51.90 -11.14 41.36
N ILE C 84 52.02 -9.81 41.34
CA ILE C 84 52.60 -9.11 40.20
C ILE C 84 54.08 -8.82 40.44
N GLU C 85 54.94 -9.57 39.74
CA GLU C 85 56.39 -9.47 39.88
C GLU C 85 56.95 -8.58 38.77
N ARG C 86 57.79 -7.61 39.14
CA ARG C 86 58.29 -6.63 38.18
C ARG C 86 59.64 -7.04 37.59
N PRO C 87 59.80 -6.87 36.28
CA PRO C 87 61.06 -7.19 35.58
C PRO C 87 62.23 -6.38 36.14
N ASN C 88 61.96 -5.16 36.59
CA ASN C 88 63.01 -4.32 37.18
C ASN C 88 63.17 -4.46 38.69
N ALA C 89 62.76 -5.61 39.23
CA ALA C 89 63.00 -5.93 40.63
C ALA C 89 64.49 -5.85 40.91
N VAL C 90 64.84 -5.53 42.15
CA VAL C 90 66.22 -5.21 42.49
C VAL C 90 66.70 -5.93 43.75
N ASP C 91 67.81 -6.64 43.63
CA ASP C 91 68.46 -7.25 44.80
C ASP C 91 68.94 -6.16 45.78
N THR C 92 68.64 -6.35 47.05
CA THR C 92 69.01 -5.38 48.08
C THR C 92 69.60 -6.04 49.34
N CYS C 93 70.08 -7.27 49.20
CA CYS C 93 70.64 -7.99 50.36
C CYS C 93 71.85 -8.83 49.98
N TYR C 94 72.20 -9.78 50.85
CA TYR C 94 73.34 -10.66 50.63
C TYR C 94 73.14 -11.48 49.35
N PRO C 95 74.14 -11.44 48.46
CA PRO C 95 74.16 -12.29 47.25
C PRO C 95 73.87 -13.75 47.58
N PHE C 96 72.77 -14.25 47.02
CA PHE C 96 72.34 -15.62 47.30
C PHE C 96 71.98 -16.39 46.02
N ASP C 97 71.82 -17.69 46.16
CA ASP C 97 71.24 -18.50 45.09
C ASP C 97 70.25 -19.49 45.70
N VAL C 98 69.30 -19.93 44.89
CA VAL C 98 68.35 -20.97 45.29
C VAL C 98 68.41 -22.07 44.23
N PRO C 99 68.93 -23.25 44.61
CA PRO C 99 69.14 -24.38 43.71
C PRO C 99 67.90 -24.75 42.92
N GLU C 100 66.79 -24.97 43.61
CA GLU C 100 65.53 -25.23 42.92
C GLU C 100 64.70 -23.95 42.89
N TYR C 101 65.31 -22.88 42.36
CA TYR C 101 64.74 -21.54 42.38
C TYR C 101 63.30 -21.52 41.87
N GLN C 102 63.11 -21.99 40.64
CA GLN C 102 61.78 -22.06 40.05
C GLN C 102 60.78 -22.82 40.91
N SER C 103 61.21 -23.91 41.53
CA SER C 103 60.30 -24.69 42.35
C SER C 103 59.85 -23.92 43.59
N LEU C 104 60.77 -23.14 44.17
CA LEU C 104 60.43 -22.35 45.35
C LEU C 104 59.49 -21.21 44.97
N ARG C 105 59.84 -20.51 43.88
CA ARG C 105 59.05 -19.39 43.39
C ARG C 105 57.61 -19.82 43.12
N SER C 106 57.46 -21.01 42.53
CA SER C 106 56.14 -21.58 42.21
C SER C 106 55.31 -21.82 43.48
N ILE C 107 55.94 -22.46 44.47
CA ILE C 107 55.29 -22.77 45.73
C ILE C 107 54.78 -21.52 46.45
N LEU C 108 55.66 -20.53 46.57
CA LEU C 108 55.31 -19.26 47.19
C LEU C 108 54.16 -18.59 46.45
N ALA C 109 54.28 -18.49 45.13
CA ALA C 109 53.26 -17.85 44.30
C ALA C 109 51.92 -18.56 44.38
N ASN C 110 51.96 -19.87 44.24
CA ASN C 110 50.76 -20.69 44.24
C ASN C 110 50.08 -20.70 45.61
N ASN C 111 50.89 -20.66 46.68
CA ASN C 111 50.35 -20.63 48.02
C ASN C 111 49.46 -19.42 48.26
N GLY C 112 49.86 -18.27 47.72
CA GLY C 112 48.98 -17.10 47.71
C GLY C 112 49.04 -16.13 48.87
N LYS C 113 49.97 -16.32 49.80
CA LYS C 113 50.02 -15.45 50.99
C LYS C 113 51.37 -15.47 51.74
N PHE C 114 51.76 -14.32 52.26
CA PHE C 114 52.91 -14.22 53.16
C PHE C 114 52.46 -14.07 54.61
N GLU C 115 52.10 -15.17 55.26
CA GLU C 115 51.75 -15.15 56.67
C GLU C 115 52.86 -15.82 57.46
N PHE C 116 53.74 -15.01 58.07
CA PHE C 116 54.87 -15.55 58.81
C PHE C 116 54.58 -15.70 60.30
N ILE C 117 54.95 -16.85 60.84
CA ILE C 117 54.78 -17.13 62.26
C ILE C 117 56.14 -17.24 62.94
N ALA C 118 56.42 -16.30 63.84
CA ALA C 118 57.67 -16.32 64.59
C ALA C 118 57.70 -17.48 65.58
N GLU C 119 58.81 -18.22 65.59
CA GLU C 119 59.05 -19.23 66.60
C GLU C 119 60.34 -18.88 67.32
N GLU C 120 60.47 -19.33 68.57
CA GLU C 120 61.70 -19.06 69.29
C GLU C 120 62.64 -20.24 69.30
N PHE C 121 63.83 -20.01 68.75
CA PHE C 121 64.88 -21.02 68.77
C PHE C 121 65.88 -20.73 69.89
N GLN C 122 66.23 -21.75 70.64
CA GLN C 122 67.21 -21.61 71.72
C GLN C 122 68.58 -22.14 71.27
N TRP C 123 69.27 -21.37 70.45
CA TRP C 123 70.61 -21.73 69.98
C TRP C 123 71.62 -21.62 71.11
N ASN C 124 72.59 -22.52 71.14
CA ASN C 124 73.55 -22.57 72.24
C ASN C 124 74.85 -21.81 71.96
N THR C 125 75.35 -21.11 72.99
CA THR C 125 76.54 -20.24 72.94
C THR C 125 76.71 -19.27 71.75
N VAL C 126 76.14 -19.59 70.60
CA VAL C 126 76.42 -18.85 69.38
C VAL C 126 75.83 -17.44 69.35
N LYS C 127 76.51 -16.54 68.64
CA LYS C 127 76.01 -15.19 68.39
C LYS C 127 74.94 -15.24 67.28
N GLN C 128 73.85 -14.51 67.48
CA GLN C 128 72.79 -14.45 66.49
C GLN C 128 72.81 -13.09 65.80
N ASN C 129 71.89 -12.91 64.83
CA ASN C 129 71.64 -11.62 64.22
C ASN C 129 72.83 -11.01 63.46
N GLY C 130 73.61 -11.88 62.81
CA GLY C 130 74.72 -11.41 62.00
C GLY C 130 74.23 -10.61 60.83
N LYS C 131 74.76 -9.39 60.68
CA LYS C 131 74.32 -8.47 59.65
C LYS C 131 75.42 -8.26 58.58
N SER C 132 75.18 -7.37 57.63
CA SER C 132 76.10 -7.16 56.52
C SER C 132 75.90 -5.81 55.82
N GLY C 133 76.89 -5.42 55.03
CA GLY C 133 76.85 -4.15 54.32
C GLY C 133 76.36 -4.29 52.89
N ALA C 134 76.01 -5.51 52.51
CA ALA C 134 75.35 -5.75 51.22
C ALA C 134 73.85 -5.74 51.44
N CYS C 135 73.46 -5.86 52.70
CA CYS C 135 72.07 -5.85 53.09
C CYS C 135 71.79 -4.69 54.05
N LYS C 136 72.05 -3.47 53.57
CA LYS C 136 71.80 -2.27 54.36
C LYS C 136 70.31 -2.07 54.57
N ARG C 137 69.95 -1.32 55.60
CA ARG C 137 68.54 -1.02 55.89
C ARG C 137 68.49 0.30 56.65
N ALA C 138 67.90 1.33 56.02
CA ALA C 138 68.05 2.72 56.50
C ALA C 138 69.53 3.04 56.68
N ASN C 139 70.34 2.57 55.72
CA ASN C 139 71.80 2.69 55.76
C ASN C 139 72.48 2.11 57.01
N VAL C 140 71.76 1.26 57.74
CA VAL C 140 72.36 0.53 58.85
C VAL C 140 72.43 -0.95 58.49
N ASN C 141 73.66 -1.45 58.32
CA ASN C 141 73.93 -2.88 58.07
C ASN C 141 72.90 -3.82 58.71
N ASP C 142 72.33 -4.70 57.89
CA ASP C 142 71.25 -5.57 58.37
C ASP C 142 71.29 -6.95 57.69
N PHE C 143 70.15 -7.62 57.64
CA PHE C 143 70.04 -8.94 57.02
C PHE C 143 68.59 -9.25 56.65
N PHE C 144 68.37 -10.40 56.01
CA PHE C 144 67.02 -10.88 55.75
C PHE C 144 66.29 -11.00 57.09
N ASN C 145 65.14 -10.33 57.21
CA ASN C 145 64.43 -10.34 58.49
C ASN C 145 63.73 -11.66 58.84
N ARG C 146 63.75 -12.60 57.90
CA ARG C 146 63.16 -13.93 58.13
C ARG C 146 64.26 -14.91 58.49
N LEU C 147 65.51 -14.51 58.26
CA LEU C 147 66.65 -15.37 58.52
C LEU C 147 67.53 -14.87 59.66
N ASN C 148 68.18 -15.80 60.36
CA ASN C 148 69.02 -15.48 61.50
C ASN C 148 70.44 -15.98 61.27
N TRP C 149 71.40 -15.05 61.19
CA TRP C 149 72.79 -15.42 60.99
C TRP C 149 73.45 -15.84 62.30
N LEU C 150 73.93 -17.08 62.34
CA LEU C 150 74.55 -17.63 63.52
C LEU C 150 76.05 -17.74 63.33
N VAL C 151 76.82 -17.24 64.30
CA VAL C 151 78.28 -17.40 64.29
C VAL C 151 78.82 -17.79 65.66
N LYS C 152 80.13 -18.04 65.70
CA LYS C 152 80.81 -18.52 66.91
C LYS C 152 80.66 -17.60 68.11
N SER C 153 80.83 -18.16 69.30
CA SER C 153 80.87 -17.38 70.53
C SER C 153 82.05 -16.42 70.53
N ASP C 154 82.06 -15.49 71.48
CA ASP C 154 83.18 -14.58 71.66
C ASP C 154 84.42 -15.35 72.12
N GLY C 155 84.18 -16.40 72.91
CA GLY C 155 85.26 -17.28 73.35
C GLY C 155 85.52 -18.38 72.33
N ASN C 156 85.23 -18.07 71.07
CA ASN C 156 85.43 -18.97 69.93
C ASN C 156 85.00 -20.41 70.14
N ALA C 157 83.71 -20.65 69.94
CA ALA C 157 83.15 -22.00 70.01
C ALA C 157 81.86 -22.07 69.23
N TYR C 158 81.88 -22.78 68.10
CA TYR C 158 80.65 -23.13 67.41
C TYR C 158 80.35 -24.59 67.72
N PRO C 159 79.63 -24.83 68.82
CA PRO C 159 79.33 -26.23 69.16
C PRO C 159 78.26 -26.75 68.22
N LEU C 160 78.11 -28.07 68.18
CA LEU C 160 77.05 -28.69 67.41
C LEU C 160 75.69 -28.16 67.87
N GLN C 161 74.87 -27.73 66.92
CA GLN C 161 73.52 -27.28 67.22
C GLN C 161 72.54 -28.42 66.96
N ASN C 162 71.49 -28.49 67.77
CA ASN C 162 70.53 -29.59 67.65
C ASN C 162 69.17 -29.33 68.31
N LEU C 163 68.54 -28.21 67.96
CA LEU C 163 67.19 -27.93 68.43
C LEU C 163 66.15 -28.49 67.44
N THR C 164 64.90 -28.48 67.85
CA THR C 164 63.85 -29.16 67.08
C THR C 164 62.47 -28.54 67.30
N LYS C 165 61.74 -28.32 66.21
CA LYS C 165 60.38 -27.78 66.29
C LYS C 165 59.38 -28.83 65.83
N ILE C 166 58.25 -28.91 66.54
CA ILE C 166 57.25 -29.95 66.26
C ILE C 166 55.93 -29.34 65.77
N ASN C 167 55.31 -30.00 64.80
CA ASN C 167 54.07 -29.51 64.20
C ASN C 167 52.82 -30.23 64.73
N ASN C 168 52.17 -29.62 65.73
CA ASN C 168 50.87 -30.10 66.17
C ASN C 168 49.76 -29.13 65.78
N GLY C 169 50.07 -28.27 64.82
CA GLY C 169 49.07 -27.39 64.25
C GLY C 169 48.18 -28.08 63.24
N ASP C 170 47.30 -27.31 62.61
CA ASP C 170 46.35 -27.86 61.64
C ASP C 170 46.66 -27.39 60.23
N TYR C 171 47.93 -27.10 59.97
CA TYR C 171 48.38 -26.66 58.65
C TYR C 171 49.84 -27.05 58.41
N ALA C 172 50.19 -27.22 57.14
CA ALA C 172 51.57 -27.52 56.78
C ALA C 172 52.43 -26.26 56.89
N ARG C 173 53.64 -26.42 57.41
CA ARG C 173 54.53 -25.28 57.58
C ARG C 173 55.64 -25.26 56.55
N LEU C 174 56.09 -24.06 56.20
CA LEU C 174 57.22 -23.90 55.31
C LEU C 174 58.37 -23.19 56.02
N TYR C 175 59.53 -23.85 56.09
CA TYR C 175 60.73 -23.24 56.66
C TYR C 175 61.72 -22.93 55.55
N ILE C 176 62.17 -21.68 55.48
CA ILE C 176 63.25 -21.32 54.57
C ILE C 176 64.54 -21.09 55.35
N TRP C 177 65.60 -21.79 54.96
CA TRP C 177 66.87 -21.72 55.68
C TRP C 177 68.04 -21.70 54.70
N GLY C 178 69.17 -21.20 55.16
CA GLY C 178 70.32 -21.03 54.30
C GLY C 178 71.59 -21.71 54.77
N VAL C 179 72.63 -21.61 53.95
CA VAL C 179 73.93 -22.18 54.23
C VAL C 179 74.96 -21.20 53.70
N HIS C 180 75.84 -20.71 54.58
CA HIS C 180 76.82 -19.69 54.16
C HIS C 180 78.03 -20.31 53.47
N HIS C 181 78.53 -19.61 52.45
CA HIS C 181 79.69 -20.06 51.70
C HIS C 181 80.76 -18.97 51.70
N PRO C 182 81.74 -19.09 52.60
CA PRO C 182 82.84 -18.11 52.74
C PRO C 182 83.81 -18.17 51.56
N SER C 183 84.50 -17.07 51.27
CA SER C 183 85.39 -17.01 50.11
C SER C 183 86.82 -17.52 50.39
N THR C 184 87.22 -17.48 51.66
CA THR C 184 88.53 -18.02 52.06
C THR C 184 88.39 -19.09 53.14
N ASP C 185 89.51 -19.64 53.57
CA ASP C 185 89.55 -20.61 54.66
C ASP C 185 89.74 -19.84 55.96
N THR C 186 90.41 -18.70 55.86
CA THR C 186 90.44 -17.70 56.93
C THR C 186 89.00 -17.25 57.19
N GLU C 187 88.31 -16.90 56.10
CA GLU C 187 86.88 -16.58 56.13
C GLU C 187 86.08 -17.57 56.96
N GLN C 188 86.12 -18.84 56.56
CA GLN C 188 85.40 -19.93 57.23
C GLN C 188 85.70 -20.03 58.72
N THR C 189 86.91 -19.62 59.10
CA THR C 189 87.39 -19.78 60.48
C THR C 189 87.14 -18.61 61.44
N ASN C 190 87.05 -17.38 60.94
CA ASN C 190 86.73 -16.22 61.78
C ASN C 190 85.33 -16.27 62.40
N LEU C 191 84.37 -16.86 61.68
CA LEU C 191 82.95 -16.85 62.04
C LEU C 191 82.44 -18.19 62.60
N TYR C 192 82.90 -19.29 62.02
CA TYR C 192 82.39 -20.61 62.41
C TYR C 192 83.44 -21.51 63.05
N LYS C 193 84.70 -21.12 62.91
CA LYS C 193 85.85 -21.88 63.44
C LYS C 193 86.08 -23.21 62.70
N ASN C 194 85.11 -24.12 62.76
CA ASN C 194 85.24 -25.42 62.10
C ASN C 194 85.50 -25.31 60.59
N ASN C 195 86.07 -26.36 60.02
CA ASN C 195 86.43 -26.39 58.60
C ASN C 195 86.75 -27.82 58.18
N PRO C 196 85.93 -28.39 57.28
CA PRO C 196 84.73 -27.78 56.69
C PRO C 196 83.56 -27.69 57.68
N GLY C 197 82.54 -26.92 57.32
CA GLY C 197 81.35 -26.75 58.15
C GLY C 197 80.24 -27.70 57.72
N GLY C 198 78.99 -27.29 57.89
CA GLY C 198 77.89 -28.09 57.41
C GLY C 198 76.56 -28.01 58.15
N VAL C 199 75.50 -28.21 57.38
CA VAL C 199 74.13 -28.19 57.88
C VAL C 199 73.38 -29.44 57.45
N THR C 200 72.60 -30.02 58.37
CA THR C 200 71.67 -31.09 58.00
C THR C 200 70.29 -30.85 58.61
N VAL C 201 69.32 -30.51 57.75
CA VAL C 201 67.94 -30.37 58.19
C VAL C 201 67.16 -31.63 57.82
N SER C 202 66.59 -32.28 58.83
CA SER C 202 65.82 -33.49 58.59
C SER C 202 64.41 -33.39 59.16
N THR C 203 63.49 -34.15 58.58
CA THR C 203 62.16 -34.33 59.14
C THR C 203 62.01 -35.82 59.45
N LYS C 204 60.82 -36.24 59.87
CA LYS C 204 60.58 -37.66 60.14
C LYS C 204 60.87 -38.53 58.92
N THR C 205 60.53 -38.00 57.75
CA THR C 205 60.63 -38.75 56.51
C THR C 205 61.82 -38.30 55.67
N SER C 206 62.19 -37.02 55.78
CA SER C 206 63.25 -36.47 54.96
C SER C 206 64.49 -36.10 55.77
N GLN C 207 65.59 -35.86 55.05
CA GLN C 207 66.85 -35.51 55.66
C GLN C 207 67.79 -34.96 54.57
N THR C 208 68.10 -33.68 54.67
CA THR C 208 68.90 -33.00 53.65
C THR C 208 70.22 -32.52 54.26
N SER C 209 71.32 -32.85 53.60
CA SER C 209 72.64 -32.45 54.09
C SER C 209 73.35 -31.54 53.09
N VAL C 210 74.00 -30.49 53.60
CA VAL C 210 74.71 -29.53 52.76
C VAL C 210 76.12 -29.25 53.28
N VAL C 211 77.11 -29.29 52.39
CA VAL C 211 78.46 -28.87 52.76
C VAL C 211 78.79 -27.58 52.04
N PRO C 212 79.30 -26.59 52.79
CA PRO C 212 79.67 -25.30 52.19
C PRO C 212 80.73 -25.50 51.11
N ASN C 213 80.73 -24.63 50.10
CA ASN C 213 81.77 -24.68 49.08
C ASN C 213 82.56 -23.38 49.10
N ILE C 214 83.88 -23.48 49.00
CA ILE C 214 84.73 -22.30 49.06
C ILE C 214 85.50 -22.09 47.78
N GLY C 215 85.39 -20.88 47.24
CA GLY C 215 86.12 -20.51 46.04
C GLY C 215 86.22 -19.00 45.97
N SER C 216 86.84 -18.51 44.90
CA SER C 216 86.83 -17.09 44.62
C SER C 216 85.67 -16.80 43.68
N ARG C 217 84.61 -16.24 44.24
CA ARG C 217 83.44 -15.89 43.45
C ARG C 217 83.41 -14.38 43.29
N PRO C 218 83.05 -13.92 42.08
CA PRO C 218 83.05 -12.51 41.68
C PRO C 218 82.39 -11.56 42.67
N LEU C 219 82.70 -10.27 42.54
CA LEU C 219 82.17 -9.26 43.45
C LEU C 219 80.68 -8.98 43.22
N VAL C 220 79.84 -9.53 44.09
CA VAL C 220 78.41 -9.24 44.06
C VAL C 220 78.01 -8.43 45.28
N ARG C 221 77.56 -7.20 45.04
CA ARG C 221 77.27 -6.22 46.10
C ARG C 221 78.51 -6.06 46.98
N GLY C 222 79.67 -6.00 46.34
CA GLY C 222 80.93 -5.81 47.03
C GLY C 222 81.38 -7.01 47.86
N LEU C 223 80.90 -8.20 47.52
CA LEU C 223 81.27 -9.42 48.26
C LEU C 223 81.61 -10.60 47.36
N SER C 224 82.30 -11.59 47.94
CA SER C 224 82.73 -12.79 47.22
C SER C 224 82.16 -14.05 47.86
N SER C 225 81.54 -13.86 49.01
CA SER C 225 80.86 -14.96 49.69
C SER C 225 79.38 -15.03 49.27
N ARG C 226 78.74 -16.17 49.49
CA ARG C 226 77.37 -16.38 49.04
C ARG C 226 76.54 -17.08 50.11
N VAL C 227 75.21 -17.06 49.93
CA VAL C 227 74.31 -17.90 50.71
C VAL C 227 73.50 -18.77 49.76
N SER C 228 73.23 -20.01 50.17
CA SER C 228 72.33 -20.88 49.40
C SER C 228 71.10 -21.19 50.23
N PHE C 229 69.92 -20.92 49.66
CA PHE C 229 68.67 -21.15 50.38
C PHE C 229 67.95 -22.45 50.02
N TYR C 230 67.30 -22.99 51.04
CA TYR C 230 66.62 -24.27 50.93
C TYR C 230 65.30 -24.08 51.63
N TRP C 231 64.37 -25.01 51.42
CA TRP C 231 63.11 -24.92 52.13
C TRP C 231 62.70 -26.31 52.56
N THR C 232 61.97 -26.38 53.66
CA THR C 232 61.47 -27.65 54.15
C THR C 232 60.01 -27.45 54.49
N ILE C 233 59.18 -28.38 54.05
CA ILE C 233 57.76 -28.34 54.39
C ILE C 233 57.47 -29.38 55.46
N VAL C 234 56.94 -28.91 56.59
CA VAL C 234 56.60 -29.82 57.68
C VAL C 234 55.09 -29.95 57.75
N GLU C 235 54.61 -31.16 57.50
CA GLU C 235 53.19 -31.45 57.58
C GLU C 235 52.79 -31.60 59.05
N PRO C 236 51.50 -31.40 59.36
CA PRO C 236 51.00 -31.73 60.70
C PRO C 236 51.39 -33.16 61.08
N GLY C 237 51.87 -33.36 62.30
CA GLY C 237 52.30 -34.67 62.74
C GLY C 237 53.79 -34.92 62.50
N ASP C 238 54.37 -34.15 61.59
CA ASP C 238 55.80 -34.25 61.34
C ASP C 238 56.52 -33.17 62.16
N LEU C 239 57.84 -33.14 62.05
CA LEU C 239 58.67 -32.16 62.75
C LEU C 239 59.98 -31.94 62.02
N ILE C 240 60.81 -31.03 62.54
CA ILE C 240 62.02 -30.64 61.82
C ILE C 240 63.22 -30.41 62.74
N VAL C 241 64.35 -31.03 62.38
CA VAL C 241 65.56 -30.97 63.19
C VAL C 241 66.64 -30.14 62.48
N PHE C 242 67.18 -29.15 63.19
CA PHE C 242 68.28 -28.37 62.65
C PHE C 242 69.62 -28.81 63.26
N ASN C 243 70.49 -29.34 62.41
CA ASN C 243 71.80 -29.82 62.86
C ASN C 243 72.90 -29.02 62.18
N THR C 244 73.81 -28.48 62.99
CA THR C 244 74.88 -27.65 62.45
C THR C 244 76.18 -27.73 63.23
N ILE C 245 77.27 -27.88 62.49
CA ILE C 245 78.60 -27.70 63.04
C ILE C 245 79.18 -26.42 62.43
N GLY C 246 78.30 -25.60 61.86
CA GLY C 246 78.69 -24.32 61.29
C GLY C 246 77.97 -23.95 60.00
N ASN C 247 77.89 -22.63 59.75
CA ASN C 247 77.44 -22.05 58.47
C ASN C 247 75.92 -21.95 58.22
N LEU C 248 75.12 -22.18 59.25
CA LEU C 248 73.66 -22.16 59.09
C LEU C 248 73.02 -20.78 59.16
N ILE C 249 72.37 -20.39 58.06
CA ILE C 249 71.48 -19.24 58.11
C ILE C 249 70.09 -19.75 58.50
N ALA C 250 69.76 -19.61 59.79
CA ALA C 250 68.57 -20.24 60.37
C ALA C 250 67.29 -19.40 60.24
N PRO C 251 66.12 -20.07 60.30
CA PRO C 251 64.81 -19.39 60.27
C PRO C 251 64.45 -18.61 61.52
N ARG C 252 63.67 -17.55 61.36
CA ARG C 252 63.05 -16.81 62.47
C ARG C 252 61.71 -17.46 62.80
N GLY C 253 61.37 -18.51 62.05
CA GLY C 253 60.07 -19.14 62.15
C GLY C 253 59.63 -19.79 60.85
N HIS C 254 58.32 -19.79 60.59
CA HIS C 254 57.78 -20.48 59.42
C HIS C 254 56.66 -19.71 58.72
N TYR C 255 56.58 -19.84 57.40
CA TYR C 255 55.44 -19.35 56.64
C TYR C 255 54.29 -20.35 56.71
N LYS C 256 53.07 -19.83 56.74
CA LYS C 256 51.86 -20.66 56.74
C LYS C 256 51.51 -21.13 55.33
N LEU C 257 51.09 -22.39 55.20
CA LEU C 257 50.63 -22.90 53.91
C LEU C 257 49.14 -23.17 53.90
N ASN C 258 48.45 -22.65 52.88
CA ASN C 258 47.06 -23.00 52.64
C ASN C 258 46.94 -24.47 52.27
N ASN C 259 45.87 -25.12 52.73
CA ASN C 259 45.59 -26.50 52.30
C ASN C 259 45.38 -26.52 50.79
N GLN C 260 44.49 -25.66 50.32
CA GLN C 260 44.27 -25.47 48.90
C GLN C 260 45.08 -24.27 48.42
N LYS C 261 45.91 -24.49 47.41
CA LYS C 261 46.71 -23.40 46.84
C LYS C 261 46.17 -23.07 45.45
N LYS C 262 45.67 -21.85 45.30
CA LYS C 262 44.90 -21.47 44.11
C LYS C 262 45.43 -20.22 43.44
N SER C 263 46.54 -19.69 43.94
CA SER C 263 47.03 -18.42 43.46
C SER C 263 48.13 -18.60 42.43
N THR C 264 48.53 -17.52 41.79
CA THR C 264 49.66 -17.58 40.88
C THR C 264 50.44 -16.27 40.83
N ILE C 265 51.46 -16.24 39.98
CA ILE C 265 52.30 -15.08 39.81
C ILE C 265 52.31 -14.66 38.35
N LEU C 266 52.37 -13.36 38.12
CA LEU C 266 52.47 -12.82 36.76
C LEU C 266 53.62 -11.82 36.72
N ASN C 267 54.56 -12.04 35.80
CA ASN C 267 55.70 -11.15 35.68
C ASN C 267 55.48 -10.16 34.54
N THR C 268 55.28 -8.90 34.88
CA THR C 268 55.07 -7.85 33.88
C THR C 268 55.35 -6.46 34.45
N ALA C 269 55.59 -5.49 33.57
CA ALA C 269 55.84 -4.11 33.99
C ALA C 269 54.60 -3.22 33.87
N ILE C 270 53.48 -3.82 33.49
CA ILE C 270 52.24 -3.07 33.29
C ILE C 270 51.75 -2.46 34.62
N PRO C 271 51.45 -1.14 34.61
CA PRO C 271 50.98 -0.51 35.85
C PRO C 271 49.59 -1.03 36.25
N ILE C 272 49.28 -0.95 37.54
CA ILE C 272 47.96 -1.35 38.03
C ILE C 272 47.03 -0.14 38.07
N GLY C 273 45.85 -0.29 37.46
CA GLY C 273 44.93 0.84 37.32
C GLY C 273 43.64 0.76 38.13
N SER C 274 42.54 1.20 37.51
CA SER C 274 41.25 1.34 38.19
C SER C 274 40.14 0.50 37.55
N CYS C 275 40.47 -0.18 36.45
CA CYS C 275 39.49 -0.95 35.69
C CYS C 275 38.97 -2.21 36.41
N VAL C 276 37.97 -2.85 35.80
CA VAL C 276 37.47 -4.13 36.29
C VAL C 276 37.63 -5.20 35.21
N SER C 277 38.37 -6.27 35.55
CA SER C 277 38.58 -7.38 34.63
C SER C 277 39.13 -8.60 35.37
N LYS C 278 38.67 -9.78 34.96
CA LYS C 278 39.05 -11.04 35.58
C LYS C 278 40.14 -11.74 34.76
N CYS C 279 40.58 -11.08 33.69
CA CYS C 279 41.55 -11.68 32.78
C CYS C 279 42.78 -10.80 32.60
N HIS C 280 43.93 -11.32 32.99
CA HIS C 280 45.18 -10.54 32.94
C HIS C 280 46.25 -11.21 32.09
N THR C 281 46.78 -10.48 31.12
CA THR C 281 47.96 -10.93 30.37
C THR C 281 49.17 -10.08 30.79
N ASP C 282 50.37 -10.56 30.47
CA ASP C 282 51.58 -9.79 30.76
C ASP C 282 51.64 -8.47 29.98
N LYS C 283 50.74 -8.32 29.01
CA LYS C 283 50.63 -7.09 28.22
C LYS C 283 49.56 -6.15 28.80
N GLY C 284 48.81 -6.63 29.78
CA GLY C 284 47.70 -5.86 30.33
C GLY C 284 46.43 -6.68 30.46
N SER C 285 45.48 -6.20 31.25
CA SER C 285 44.20 -6.88 31.41
C SER C 285 43.39 -6.90 30.11
N LEU C 286 42.53 -7.91 29.95
CA LEU C 286 41.61 -8.00 28.81
C LEU C 286 40.20 -7.69 29.29
N SER C 287 39.45 -6.95 28.47
CA SER C 287 38.05 -6.66 28.80
C SER C 287 37.19 -7.04 27.60
N THR C 288 36.69 -8.27 27.60
CA THR C 288 36.08 -8.83 26.39
C THR C 288 35.09 -9.96 26.69
N THR C 289 34.21 -10.23 25.74
CA THR C 289 33.34 -11.41 25.80
C THR C 289 33.75 -12.42 24.72
N LYS C 290 34.73 -12.05 23.89
CA LYS C 290 35.20 -12.95 22.83
C LYS C 290 35.78 -14.25 23.40
N PRO C 291 35.57 -15.38 22.70
CA PRO C 291 36.06 -16.68 23.18
C PRO C 291 37.57 -16.88 22.99
N PHE C 292 38.17 -16.11 22.10
CA PHE C 292 39.60 -16.26 21.82
C PHE C 292 40.34 -14.93 21.91
N GLN C 293 41.66 -15.02 22.07
CA GLN C 293 42.52 -13.82 22.10
C GLN C 293 43.86 -14.18 21.47
N ASN C 294 44.45 -13.22 20.74
CA ASN C 294 45.78 -13.41 20.14
C ASN C 294 46.83 -12.52 20.80
N ILE C 295 46.53 -12.05 22.01
CA ILE C 295 47.41 -11.11 22.69
C ILE C 295 48.63 -11.74 23.37
N SER C 296 48.43 -12.81 24.13
CA SER C 296 49.56 -13.50 24.78
C SER C 296 49.19 -14.86 25.35
N ARG C 297 50.05 -15.85 25.12
CA ARG C 297 49.91 -17.15 25.75
C ARG C 297 50.02 -17.06 27.27
N ILE C 298 50.62 -15.96 27.76
CA ILE C 298 50.68 -15.74 29.20
C ILE C 298 49.41 -15.01 29.63
N ALA C 299 48.48 -15.77 30.19
CA ALA C 299 47.19 -15.22 30.60
C ALA C 299 46.67 -15.89 31.87
N VAL C 300 46.16 -15.08 32.79
CA VAL C 300 45.69 -15.57 34.09
C VAL C 300 44.27 -15.10 34.39
N GLY C 301 43.45 -16.01 34.94
CA GLY C 301 42.11 -15.63 35.36
C GLY C 301 41.06 -16.28 34.48
N ASP C 302 39.94 -15.60 34.31
CA ASP C 302 38.87 -16.06 33.46
C ASP C 302 39.03 -15.43 32.08
N CYS C 303 39.78 -16.11 31.21
CA CYS C 303 40.25 -15.48 29.97
C CYS C 303 39.72 -16.19 28.73
N PRO C 304 39.75 -15.50 27.58
CA PRO C 304 39.50 -16.20 26.31
C PRO C 304 40.66 -17.15 26.05
N ARG C 305 40.53 -18.13 25.17
CA ARG C 305 41.65 -19.03 24.91
C ARG C 305 42.64 -18.40 23.93
N TYR C 306 43.93 -18.59 24.17
CA TYR C 306 44.94 -18.01 23.29
C TYR C 306 45.01 -18.79 21.98
N VAL C 307 44.91 -18.10 20.86
CA VAL C 307 45.06 -18.71 19.56
C VAL C 307 46.07 -17.91 18.73
N LYS C 308 46.57 -18.52 17.66
CA LYS C 308 47.55 -17.88 16.77
C LYS C 308 46.93 -16.85 15.80
N GLN C 309 45.66 -17.05 15.43
CA GLN C 309 45.03 -16.20 14.42
C GLN C 309 44.78 -14.78 14.91
N GLY C 310 44.89 -13.81 14.00
CA GLY C 310 44.64 -12.41 14.33
C GLY C 310 43.16 -12.03 14.27
N SER C 311 42.42 -12.75 13.43
CA SER C 311 40.98 -12.56 13.33
C SER C 311 40.24 -13.83 12.90
N LEU C 312 39.07 -14.06 13.50
CA LEU C 312 38.17 -15.11 13.05
C LEU C 312 36.73 -14.56 13.12
N LYS C 313 36.13 -14.35 11.96
CA LYS C 313 34.81 -13.73 11.90
C LYS C 313 33.70 -14.76 11.84
N LEU C 314 32.73 -14.61 12.74
CA LEU C 314 31.56 -15.48 12.76
C LEU C 314 30.44 -14.78 12.04
N ALA C 315 29.82 -15.44 11.07
CA ALA C 315 28.65 -14.85 10.40
C ALA C 315 27.47 -14.79 11.35
N THR C 316 26.86 -13.61 11.45
CA THR C 316 25.63 -13.45 12.22
C THR C 316 24.48 -13.01 11.31
N GLY C 317 24.65 -13.25 10.01
CA GLY C 317 23.63 -12.90 9.02
C GLY C 317 23.76 -13.71 7.74
N MET C 318 22.76 -13.58 6.87
CA MET C 318 22.74 -14.30 5.59
C MET C 318 23.78 -13.74 4.61
N ARG C 319 23.95 -14.42 3.49
CA ARG C 319 24.82 -13.90 2.42
C ARG C 319 24.34 -12.54 1.92
N ASN C 320 25.30 -11.65 1.63
CA ASN C 320 24.96 -10.32 1.14
C ASN C 320 25.03 -10.24 -0.39
N ILE C 321 23.87 -10.09 -1.03
CA ILE C 321 23.78 -9.95 -2.49
C ILE C 321 22.92 -8.74 -2.84
N PRO C 322 23.54 -7.55 -2.89
CA PRO C 322 22.79 -6.29 -3.03
C PRO C 322 22.31 -5.98 -4.45
N GLU C 323 21.47 -4.94 -4.54
CA GLU C 323 20.79 -4.37 -5.72
C GLU C 323 19.27 -4.33 -5.49
N GLY D 1 24.44 -21.82 -0.74
CA GLY D 1 23.38 -22.43 0.05
C GLY D 1 22.83 -23.71 -0.57
N LEU D 2 22.50 -24.68 0.29
CA LEU D 2 22.00 -25.98 -0.15
C LEU D 2 20.66 -25.90 -0.87
N PHE D 3 19.84 -24.90 -0.51
CA PHE D 3 18.50 -24.80 -1.04
C PHE D 3 18.42 -24.01 -2.35
N GLY D 4 19.45 -23.21 -2.62
CA GLY D 4 19.53 -22.50 -3.88
C GLY D 4 18.56 -21.33 -3.99
N ALA D 5 18.15 -20.81 -2.83
CA ALA D 5 17.25 -19.65 -2.82
C ALA D 5 18.06 -18.36 -2.85
N ILE D 6 18.71 -18.05 -1.73
CA ILE D 6 19.62 -16.92 -1.63
C ILE D 6 20.80 -17.14 -2.58
N ALA D 7 21.14 -16.12 -3.38
CA ALA D 7 22.12 -16.25 -4.47
C ALA D 7 21.77 -17.40 -5.42
N GLY D 8 20.47 -17.65 -5.58
CA GLY D 8 19.99 -18.72 -6.43
C GLY D 8 18.84 -18.22 -7.29
N PHE D 9 17.67 -18.84 -7.15
CA PHE D 9 16.51 -18.41 -7.91
C PHE D 9 16.01 -17.02 -7.48
N ILE D 10 16.33 -16.61 -6.26
CA ILE D 10 16.18 -15.20 -5.86
C ILE D 10 17.49 -14.54 -6.26
N GLU D 11 17.45 -13.65 -7.25
CA GLU D 11 18.70 -13.16 -7.85
C GLU D 11 19.53 -12.25 -6.93
N ASN D 12 18.86 -11.45 -6.11
CA ASN D 12 19.56 -10.58 -5.16
C ASN D 12 18.68 -10.18 -4.00
N GLY D 13 19.32 -9.62 -2.97
CA GLY D 13 18.61 -9.09 -1.82
C GLY D 13 18.08 -7.68 -2.04
N TRP D 14 17.34 -7.18 -1.04
CA TRP D 14 16.64 -5.90 -1.12
C TRP D 14 17.19 -4.92 -0.11
N GLN D 15 17.85 -3.87 -0.57
CA GLN D 15 18.43 -2.91 0.36
C GLN D 15 17.35 -2.08 1.05
N GLY D 16 16.19 -1.97 0.41
CA GLY D 16 15.06 -1.24 0.97
C GLY D 16 14.34 -1.95 2.10
N LEU D 17 14.51 -3.26 2.20
CA LEU D 17 13.91 -4.03 3.28
C LEU D 17 14.75 -3.86 4.55
N ILE D 18 14.39 -2.90 5.39
CA ILE D 18 15.23 -2.53 6.53
C ILE D 18 14.64 -2.90 7.90
N ASP D 19 13.44 -3.46 7.91
CA ASP D 19 12.83 -3.88 9.18
C ASP D 19 12.61 -5.39 9.23
N GLY D 20 13.36 -6.12 8.42
CA GLY D 20 13.28 -7.58 8.43
C GLY D 20 14.33 -8.26 7.58
N TRP D 21 14.55 -9.55 7.82
CA TRP D 21 15.52 -10.32 7.04
C TRP D 21 14.89 -10.84 5.76
N TYR D 22 13.61 -11.18 5.85
CA TYR D 22 12.86 -11.70 4.71
C TYR D 22 11.57 -10.92 4.62
N GLY D 23 10.97 -10.91 3.43
CA GLY D 23 9.73 -10.18 3.25
C GLY D 23 9.05 -10.39 1.90
N PHE D 24 8.02 -9.59 1.66
CA PHE D 24 7.20 -9.70 0.46
C PHE D 24 7.26 -8.40 -0.32
N ARG D 25 7.30 -8.52 -1.64
CA ARG D 25 7.19 -7.37 -2.51
C ARG D 25 6.13 -7.66 -3.57
N HIS D 26 5.14 -6.78 -3.67
CA HIS D 26 4.04 -7.05 -4.57
C HIS D 26 3.82 -5.95 -5.60
N GLN D 27 3.03 -6.27 -6.61
CA GLN D 27 2.49 -5.28 -7.51
C GLN D 27 1.08 -5.71 -7.87
N ASN D 28 0.12 -4.81 -7.66
CA ASN D 28 -1.25 -5.05 -8.08
C ASN D 28 -1.79 -3.81 -8.80
N ALA D 29 -3.08 -3.79 -9.12
CA ALA D 29 -3.66 -2.67 -9.85
C ALA D 29 -3.51 -1.32 -9.13
N GLU D 30 -3.49 -1.35 -7.79
CA GLU D 30 -3.37 -0.10 -7.02
C GLU D 30 -1.95 0.27 -6.58
N GLY D 31 -0.94 -0.45 -7.04
CA GLY D 31 0.42 -0.08 -6.71
C GLY D 31 1.37 -1.20 -6.29
N THR D 32 2.45 -0.81 -5.62
CA THR D 32 3.48 -1.74 -5.16
C THR D 32 3.78 -1.56 -3.68
N GLY D 33 4.31 -2.60 -3.06
CA GLY D 33 4.66 -2.54 -1.66
C GLY D 33 5.75 -3.51 -1.25
N THR D 34 6.46 -3.17 -0.18
CA THR D 34 7.44 -4.09 0.40
C THR D 34 7.15 -4.21 1.89
N ALA D 35 6.94 -5.43 2.39
CA ALA D 35 6.72 -5.64 3.83
C ALA D 35 7.58 -6.80 4.38
N ALA D 36 8.02 -6.67 5.64
CA ALA D 36 8.81 -7.73 6.26
C ALA D 36 7.96 -8.91 6.69
N ASP D 37 8.54 -10.11 6.68
CA ASP D 37 7.91 -11.29 7.29
C ASP D 37 8.55 -11.53 8.66
N LEU D 38 7.74 -11.42 9.72
CA LEU D 38 8.25 -11.47 11.08
C LEU D 38 8.68 -12.88 11.46
N LYS D 39 7.88 -13.86 11.05
CA LYS D 39 8.07 -15.23 11.51
C LYS D 39 9.36 -15.83 10.96
N SER D 40 9.56 -15.72 9.64
CA SER D 40 10.78 -16.22 9.01
C SER D 40 12.00 -15.46 9.53
N THR D 41 11.88 -14.14 9.62
CA THR D 41 12.96 -13.31 10.18
C THR D 41 13.34 -13.76 11.59
N GLN D 42 12.35 -13.99 12.43
CA GLN D 42 12.59 -14.35 13.83
C GLN D 42 13.24 -15.73 13.97
N ALA D 43 12.81 -16.66 13.11
CA ALA D 43 13.35 -18.02 13.14
C ALA D 43 14.84 -18.05 12.83
N ALA D 44 15.24 -17.24 11.88
CA ALA D 44 16.65 -17.14 11.51
C ALA D 44 17.44 -16.47 12.64
N ILE D 45 16.89 -15.38 13.18
CA ILE D 45 17.57 -14.65 14.26
C ILE D 45 17.79 -15.52 15.51
N ASP D 46 16.75 -16.26 15.91
CA ASP D 46 16.84 -17.15 17.06
C ASP D 46 17.96 -18.18 16.85
N GLN D 47 17.98 -18.80 15.67
CA GLN D 47 18.99 -19.80 15.36
C GLN D 47 20.42 -19.24 15.41
N ILE D 48 20.60 -17.98 15.01
CA ILE D 48 21.91 -17.34 15.03
C ILE D 48 22.34 -16.84 16.43
N ASN D 49 21.46 -16.16 17.15
CA ASN D 49 21.75 -15.78 18.53
C ASN D 49 21.98 -17.01 19.40
N GLY D 50 21.35 -18.12 19.02
CA GLY D 50 21.57 -19.39 19.69
C GLY D 50 23.04 -19.82 19.65
N LYS D 51 23.64 -19.73 18.47
CA LYS D 51 25.05 -20.06 18.28
C LYS D 51 25.91 -19.12 19.11
N LEU D 52 25.51 -17.85 19.11
CA LEU D 52 26.24 -16.81 19.82
C LEU D 52 26.33 -17.11 21.32
N ASN D 53 25.22 -17.54 21.88
CA ASN D 53 25.16 -17.86 23.32
C ASN D 53 25.97 -19.10 23.72
N ARG D 54 25.84 -20.17 22.95
CA ARG D 54 26.61 -21.40 23.20
C ARG D 54 28.10 -21.10 23.10
N LEU D 55 28.44 -20.22 22.17
CA LEU D 55 29.81 -19.81 21.93
C LEU D 55 30.34 -18.96 23.08
N ILE D 56 29.88 -17.71 23.10
CA ILE D 56 30.22 -16.75 24.13
C ILE D 56 29.58 -17.17 25.47
N GLU D 57 30.05 -18.32 25.98
CA GLU D 57 29.85 -18.80 27.36
C GLU D 57 30.33 -20.23 27.56
N LYS D 58 31.61 -20.44 27.34
CA LYS D 58 32.30 -21.60 27.88
C LYS D 58 33.25 -21.03 28.93
N THR D 59 34.17 -21.84 29.46
CA THR D 59 34.94 -21.41 30.63
C THR D 59 36.43 -21.78 30.61
N ASN D 60 37.29 -20.76 30.59
CA ASN D 60 38.73 -20.97 30.69
C ASN D 60 39.32 -20.23 31.89
N ASP D 61 38.95 -20.67 33.09
CA ASP D 61 39.35 -20.00 34.33
C ASP D 61 40.61 -20.63 34.90
N LYS D 62 41.76 -20.06 34.56
CA LYS D 62 43.05 -20.69 34.86
C LYS D 62 43.98 -19.81 35.67
N TYR D 63 44.48 -20.35 36.78
CA TYR D 63 45.42 -19.59 37.60
C TYR D 63 46.84 -20.09 37.49
N HIS D 64 47.28 -20.97 38.40
CA HIS D 64 48.65 -21.44 38.34
C HIS D 64 48.85 -22.45 37.21
N GLN D 65 49.75 -22.14 36.29
CA GLN D 65 49.96 -22.98 35.11
C GLN D 65 51.42 -23.43 35.02
N ILE D 66 52.14 -22.95 34.01
CA ILE D 66 53.58 -23.18 33.89
C ILE D 66 54.24 -21.94 33.32
N GLU D 67 55.56 -21.84 33.47
CA GLU D 67 56.34 -20.79 32.81
C GLU D 67 56.26 -20.94 31.30
N LYS D 68 56.23 -19.82 30.58
CA LYS D 68 56.06 -19.86 29.13
C LYS D 68 57.07 -18.99 28.41
N GLU D 69 57.87 -18.24 29.17
CA GLU D 69 58.93 -17.39 28.60
C GLU D 69 60.25 -17.67 29.30
N PHE D 70 61.31 -17.79 28.52
CA PHE D 70 62.61 -18.16 29.05
C PHE D 70 63.73 -17.28 28.47
N GLU D 71 64.63 -16.84 29.33
CA GLU D 71 65.78 -16.04 28.90
C GLU D 71 66.77 -16.91 28.12
N GLN D 72 67.34 -17.89 28.81
CA GLN D 72 68.31 -18.80 28.22
C GLN D 72 67.80 -20.24 28.23
N VAL D 73 68.22 -21.03 27.23
CA VAL D 73 67.92 -22.47 27.21
C VAL D 73 68.52 -23.21 28.42
N GLU D 74 67.88 -24.31 28.80
CA GLU D 74 68.30 -25.14 29.93
C GLU D 74 68.44 -26.59 29.53
N GLY D 75 67.85 -26.95 28.40
CA GLY D 75 67.81 -28.34 27.98
C GLY D 75 66.48 -29.02 28.23
N ARG D 76 66.55 -30.26 28.71
CA ARG D 76 65.42 -31.19 28.69
C ARG D 76 64.09 -30.67 29.25
N ILE D 77 64.11 -30.16 30.48
CA ILE D 77 62.88 -29.72 31.12
C ILE D 77 62.24 -28.53 30.40
N GLN D 78 63.07 -27.56 30.01
CA GLN D 78 62.58 -26.40 29.29
C GLN D 78 61.96 -26.82 27.95
N ASP D 79 62.60 -27.76 27.26
CA ASP D 79 62.11 -28.23 25.96
C ASP D 79 60.70 -28.80 26.06
N LEU D 80 60.46 -29.56 27.13
CA LEU D 80 59.15 -30.18 27.36
C LEU D 80 58.10 -29.11 27.64
N GLU D 81 58.43 -28.18 28.55
CA GLU D 81 57.52 -27.05 28.86
C GLU D 81 57.11 -26.28 27.60
N LYS D 82 58.10 -25.95 26.76
CA LYS D 82 57.80 -25.27 25.50
C LYS D 82 56.95 -26.12 24.57
N TYR D 83 57.29 -27.41 24.46
CA TYR D 83 56.59 -28.31 23.54
C TYR D 83 55.15 -28.50 23.96
N VAL D 84 54.94 -28.61 25.27
CA VAL D 84 53.59 -28.72 25.82
C VAL D 84 52.74 -27.50 25.48
N GLU D 85 53.27 -26.30 25.72
CA GLU D 85 52.51 -25.08 25.43
C GLU D 85 52.29 -24.92 23.93
N ASP D 86 53.30 -25.24 23.13
CA ASP D 86 53.16 -25.10 21.68
C ASP D 86 52.11 -26.10 21.13
N THR D 87 52.09 -27.29 21.69
CA THR D 87 51.10 -28.31 21.30
C THR D 87 49.68 -27.87 21.63
N LYS D 88 49.49 -27.38 22.85
CA LYS D 88 48.21 -26.82 23.28
C LYS D 88 47.70 -25.71 22.34
N ILE D 89 48.58 -24.76 22.03
CA ILE D 89 48.21 -23.63 21.17
C ILE D 89 47.79 -24.03 19.74
N ASP D 90 48.50 -24.97 19.14
CA ASP D 90 48.13 -25.41 17.78
C ASP D 90 46.78 -26.11 17.80
N LEU D 91 46.55 -26.90 18.84
CA LEU D 91 45.28 -27.62 18.96
C LEU D 91 44.11 -26.65 19.13
N TRP D 92 44.27 -25.61 19.94
CA TRP D 92 43.19 -24.65 20.17
C TRP D 92 42.98 -23.74 18.96
N SER D 93 44.07 -23.36 18.31
CA SER D 93 43.97 -22.61 17.07
C SER D 93 43.23 -23.43 16.03
N TYR D 94 43.51 -24.73 15.96
CA TYR D 94 42.80 -25.59 15.03
C TYR D 94 41.31 -25.64 15.36
N ASN D 95 40.99 -25.79 16.65
CA ASN D 95 39.58 -25.84 17.06
C ASN D 95 38.83 -24.56 16.68
N ALA D 96 39.46 -23.43 16.95
CA ALA D 96 38.87 -22.13 16.65
C ALA D 96 38.65 -21.96 15.15
N GLU D 97 39.61 -22.42 14.35
CA GLU D 97 39.53 -22.28 12.90
C GLU D 97 38.39 -23.13 12.35
N LEU D 98 38.33 -24.40 12.79
CA LEU D 98 37.30 -25.31 12.32
C LEU D 98 35.93 -24.88 12.82
N LEU D 99 35.84 -24.46 14.09
CA LEU D 99 34.56 -24.06 14.67
C LEU D 99 33.86 -22.97 13.85
N VAL D 100 34.59 -21.89 13.59
CA VAL D 100 34.09 -20.77 12.81
C VAL D 100 33.67 -21.19 11.39
N ALA D 101 34.46 -22.04 10.75
CA ALA D 101 34.10 -22.54 9.43
C ALA D 101 32.80 -23.36 9.43
N LEU D 102 32.62 -24.20 10.46
CA LEU D 102 31.43 -25.04 10.60
C LEU D 102 30.21 -24.19 10.88
N GLU D 103 30.33 -23.29 11.86
CA GLU D 103 29.22 -22.40 12.22
C GLU D 103 28.79 -21.57 11.02
N ASN D 104 29.75 -20.97 10.32
CA ASN D 104 29.43 -20.14 9.17
C ASN D 104 28.77 -20.91 8.04
N GLN D 105 29.26 -22.12 7.78
CA GLN D 105 28.64 -22.97 6.76
C GLN D 105 27.18 -23.23 7.12
N HIS D 106 26.96 -23.56 8.39
CA HIS D 106 25.62 -23.85 8.86
C HIS D 106 24.72 -22.62 8.86
N THR D 107 25.26 -21.49 9.29
CA THR D 107 24.51 -20.23 9.31
C THR D 107 24.00 -19.88 7.92
N ILE D 108 24.88 -20.03 6.93
CA ILE D 108 24.50 -19.77 5.55
C ILE D 108 23.41 -20.74 5.08
N ASP D 109 23.52 -22.01 5.49
CA ASP D 109 22.51 -22.99 5.11
C ASP D 109 21.17 -22.69 5.80
N VAL D 110 21.22 -22.31 7.07
CA VAL D 110 20.01 -21.99 7.81
C VAL D 110 19.26 -20.80 7.20
N THR D 111 19.99 -19.74 6.88
CA THR D 111 19.37 -18.56 6.29
C THR D 111 18.84 -18.83 4.88
N ASP D 112 19.56 -19.59 4.08
CA ASP D 112 19.07 -20.04 2.77
C ASP D 112 17.81 -20.91 2.95
N SER D 113 17.82 -21.78 3.95
CA SER D 113 16.65 -22.60 4.29
C SER D 113 15.41 -21.78 4.65
N GLU D 114 15.57 -20.80 5.54
CA GLU D 114 14.43 -19.95 5.94
C GLU D 114 13.83 -19.19 4.77
N MET D 115 14.67 -18.69 3.87
CA MET D 115 14.17 -18.05 2.66
C MET D 115 13.28 -19.01 1.89
N ASN D 116 13.78 -20.23 1.70
CA ASN D 116 13.03 -21.24 0.97
C ASN D 116 11.72 -21.67 1.66
N LYS D 117 11.75 -21.76 2.98
CA LYS D 117 10.55 -22.12 3.74
C LYS D 117 9.46 -21.05 3.57
N LEU D 118 9.89 -19.80 3.57
CA LEU D 118 8.96 -18.69 3.35
C LEU D 118 8.31 -18.77 1.96
N PHE D 119 9.13 -18.96 0.93
CA PHE D 119 8.62 -19.08 -0.44
C PHE D 119 7.67 -20.26 -0.53
N GLU D 120 8.05 -21.38 0.08
CA GLU D 120 7.25 -22.61 0.03
C GLU D 120 5.94 -22.43 0.77
N ARG D 121 5.98 -21.73 1.91
CA ARG D 121 4.76 -21.41 2.65
C ARG D 121 3.75 -20.62 1.79
N VAL D 122 4.22 -19.57 1.11
CA VAL D 122 3.34 -18.77 0.27
C VAL D 122 2.81 -19.58 -0.91
N ARG D 123 3.66 -20.43 -1.49
CA ARG D 123 3.26 -21.29 -2.59
C ARG D 123 2.04 -22.14 -2.21
N ARG D 124 2.10 -22.71 -1.01
CA ARG D 124 1.02 -23.56 -0.52
C ARG D 124 -0.28 -22.81 -0.29
N GLN D 125 -0.20 -21.58 0.20
CA GLN D 125 -1.40 -20.77 0.41
C GLN D 125 -2.13 -20.52 -0.90
N LEU D 126 -1.36 -20.36 -1.96
CA LEU D 126 -1.90 -19.87 -3.23
C LEU D 126 -2.57 -20.98 -4.05
N ARG D 127 -2.24 -22.23 -3.74
CA ARG D 127 -2.84 -23.40 -4.40
C ARG D 127 -2.78 -23.29 -5.91
N GLU D 128 -3.94 -23.34 -6.55
CA GLU D 128 -4.02 -23.30 -8.00
C GLU D 128 -4.27 -21.90 -8.53
N ASN D 129 -4.21 -20.90 -7.66
CA ASN D 129 -4.51 -19.52 -8.06
C ASN D 129 -3.33 -18.74 -8.62
N ALA D 130 -2.13 -19.34 -8.54
CA ALA D 130 -0.90 -18.65 -8.93
C ALA D 130 0.14 -19.60 -9.55
N GLU D 131 1.09 -19.04 -10.28
CA GLU D 131 2.17 -19.81 -10.91
C GLU D 131 3.53 -19.23 -10.57
N ASP D 132 4.49 -20.10 -10.29
CA ASP D 132 5.86 -19.70 -10.01
C ASP D 132 6.49 -19.12 -11.28
N LYS D 133 7.07 -17.92 -11.18
CA LYS D 133 7.70 -17.32 -12.35
C LYS D 133 9.19 -17.66 -12.42
N GLY D 134 9.73 -18.21 -11.33
CA GLY D 134 11.10 -18.69 -11.32
C GLY D 134 12.15 -17.80 -10.66
N ASN D 135 11.71 -16.65 -10.14
CA ASN D 135 12.62 -15.69 -9.53
C ASN D 135 12.19 -15.35 -8.11
N GLY D 136 11.48 -16.27 -7.48
CA GLY D 136 10.93 -16.06 -6.15
C GLY D 136 9.61 -15.32 -6.18
N CYS D 137 9.08 -15.12 -7.39
CA CYS D 137 7.82 -14.40 -7.57
C CYS D 137 6.69 -15.30 -8.08
N PHE D 138 5.48 -15.04 -7.60
CA PHE D 138 4.30 -15.72 -8.10
C PHE D 138 3.46 -14.77 -8.93
N GLU D 139 3.04 -15.23 -10.10
CA GLU D 139 2.01 -14.53 -10.86
C GLU D 139 0.65 -14.95 -10.33
N ILE D 140 -0.16 -13.98 -9.90
CA ILE D 140 -1.46 -14.27 -9.30
C ILE D 140 -2.54 -14.10 -10.37
N PHE D 141 -3.32 -15.15 -10.62
CA PHE D 141 -4.24 -15.11 -11.76
C PHE D 141 -5.66 -14.63 -11.41
N HIS D 142 -5.74 -13.67 -10.49
CA HIS D 142 -6.99 -13.03 -10.13
C HIS D 142 -6.66 -11.65 -9.58
N LYS D 143 -7.64 -10.75 -9.62
CA LYS D 143 -7.46 -9.43 -9.03
C LYS D 143 -7.21 -9.58 -7.54
N CYS D 144 -6.16 -8.95 -7.06
CA CYS D 144 -5.74 -9.10 -5.67
C CYS D 144 -5.40 -7.73 -5.10
N ASP D 145 -6.42 -7.04 -4.62
CA ASP D 145 -6.27 -5.72 -4.01
C ASP D 145 -5.38 -5.74 -2.75
N ASN D 146 -5.21 -4.59 -2.12
CA ASN D 146 -4.32 -4.49 -0.96
C ASN D 146 -4.69 -5.39 0.23
N ASN D 147 -5.98 -5.55 0.48
CA ASN D 147 -6.43 -6.44 1.55
C ASN D 147 -6.14 -7.90 1.21
N CYS D 148 -6.33 -8.25 -0.06
CA CYS D 148 -6.02 -9.57 -0.58
C CYS D 148 -4.52 -9.89 -0.38
N ILE D 149 -3.67 -8.95 -0.81
CA ILE D 149 -2.23 -9.06 -0.61
C ILE D 149 -1.86 -9.26 0.86
N GLU D 150 -2.42 -8.42 1.72
CA GLU D 150 -2.23 -8.55 3.15
C GLU D 150 -2.69 -9.93 3.66
N SER D 151 -3.81 -10.42 3.14
CA SER D 151 -4.32 -11.72 3.59
C SER D 151 -3.29 -12.83 3.29
N ILE D 152 -2.58 -12.69 2.17
CA ILE D 152 -1.51 -13.61 1.80
C ILE D 152 -0.35 -13.49 2.79
N ARG D 153 0.03 -12.24 3.09
CA ARG D 153 1.15 -11.99 4.01
C ARG D 153 0.86 -12.42 5.44
N ASN D 154 -0.38 -12.26 5.92
CA ASN D 154 -0.71 -12.64 7.30
C ASN D 154 -1.25 -14.05 7.41
N GLY D 155 -1.38 -14.73 6.27
CA GLY D 155 -1.75 -16.12 6.25
C GLY D 155 -3.24 -16.41 6.41
N THR D 156 -4.08 -15.45 6.02
CA THR D 156 -5.53 -15.65 6.09
C THR D 156 -6.17 -15.78 4.69
N TYR D 157 -5.33 -15.76 3.65
CA TYR D 157 -5.80 -15.88 2.27
C TYR D 157 -6.56 -17.18 2.08
N ASP D 158 -7.79 -17.07 1.58
CA ASP D 158 -8.65 -18.22 1.32
C ASP D 158 -8.74 -18.49 -0.19
N HIS D 159 -8.01 -19.49 -0.66
CA HIS D 159 -7.89 -19.73 -2.09
C HIS D 159 -9.23 -20.03 -2.78
N ASP D 160 -10.17 -20.63 -2.04
CA ASP D 160 -11.49 -20.93 -2.60
C ASP D 160 -12.23 -19.69 -3.11
N ILE D 161 -11.96 -18.53 -2.53
CA ILE D 161 -12.62 -17.27 -2.91
C ILE D 161 -12.35 -16.95 -4.38
N TYR D 162 -11.09 -17.13 -4.77
CA TYR D 162 -10.62 -16.68 -6.08
C TYR D 162 -10.43 -17.81 -7.10
N ARG D 163 -10.57 -19.05 -6.66
CA ARG D 163 -10.23 -20.21 -7.49
C ARG D 163 -10.87 -20.23 -8.88
N ASP D 164 -12.18 -19.99 -8.97
CA ASP D 164 -12.84 -20.00 -10.28
C ASP D 164 -12.28 -18.94 -11.22
N GLU D 165 -12.15 -17.71 -10.73
CA GLU D 165 -11.57 -16.63 -11.51
C GLU D 165 -10.16 -17.03 -11.97
N ALA D 166 -9.38 -17.61 -11.05
CA ALA D 166 -8.00 -18.02 -11.33
C ALA D 166 -7.87 -19.12 -12.39
N ILE D 167 -8.58 -20.23 -12.19
CA ILE D 167 -8.56 -21.35 -13.14
C ILE D 167 -8.90 -20.86 -14.56
N ASN D 168 -9.94 -20.03 -14.67
CA ASN D 168 -10.35 -19.47 -15.95
C ASN D 168 -9.24 -18.64 -16.59
N ASN D 169 -8.59 -17.78 -15.82
CA ASN D 169 -7.51 -16.98 -16.36
C ASN D 169 -6.28 -17.80 -16.75
N ARG D 170 -5.99 -18.85 -15.98
CA ARG D 170 -4.82 -19.69 -16.23
C ARG D 170 -4.93 -20.55 -17.48
N PHE D 171 -6.08 -21.19 -17.66
CA PHE D 171 -6.21 -22.23 -18.69
C PHE D 171 -7.08 -21.80 -19.87
N GLN D 172 -7.60 -20.59 -19.82
CA GLN D 172 -8.53 -20.11 -20.83
C GLN D 172 -8.29 -18.64 -21.18
#